data_9GOV
#
_entry.id   9GOV
#
_cell.length_a   82.993
_cell.length_b   82.993
_cell.length_c   297.577
_cell.angle_alpha   90.00
_cell.angle_beta   90.00
_cell.angle_gamma   120.00
#
_symmetry.space_group_name_H-M   'P 65'
#
loop_
_entity.id
_entity.type
_entity.pdbx_description
1 polymer '4-Allyl syringol oxidase from Streptomyces cavernae'
2 non-polymer 2,6-dimethoxy-4-(3-oxidanylpropyl)phenol
3 non-polymer 'FLAVIN-ADENINE DINUCLEOTIDE'
4 water water
#
_entity_poly.entity_id   1
_entity_poly.type   'polypeptide(L)'
_entity_poly.pdbx_seq_one_letter_code
;MTRTLPPGVSDEDFTSALTAFRDVVGDEFVRTDEAELARFHDPYPVGDADAHLASAVISPRDTEQVQEVVRIANRYGIPL
SVISTGRNNGYGGSAPRLSGAVVVNTGERMNRILEVDEKLGYALLEPGVTYFDLHEYLEAHAPSLMIDCPDLGWGSVVGN
ALDRGAGYTPYGDHFMWQTGMEVVLPQGDVMRTGMGALPGSTTWQLIPYGFGPYPDGMFTQSNLGIVTKMGIALMQKPPA
SMTYQITFENESDLEQIVDIMLPLRINMAPLQNVPVLRNIILDAAVVSQRADWYDGDGPLPPEAIERMKKELGLGYWNFY
GTLYGPPQLIEMNYGIIKDAFGQIPGSRFQTHEERHDRGAHVLQDRHKINNGIPSLSEMKLMDWIPGAGHVGFSPISPPV
GRDAMKQFRMVRSRADEYAKDYAAQFVVGLREMHHIALLLFDTQDATARNETLALTRLLIDEAAAEGYGEYRTHNALMDQ
VMGTYNWGDGALLKFHEAIKDALDPNGIIAPGKSGVWPARYRGKGLAAALKLRVDPAANKARKEAELAAATAEQ
;
_entity_poly.pdbx_strand_id   A,B
#
# COMPACT_ATOMS: atom_id res chain seq x y z
N ARG A 3 -18.28 33.43 -22.78
CA ARG A 3 -17.71 32.10 -23.13
C ARG A 3 -16.57 31.75 -22.18
N THR A 4 -16.67 30.62 -21.48
CA THR A 4 -15.69 30.20 -20.45
C THR A 4 -14.35 29.96 -21.14
N LEU A 5 -13.33 30.71 -20.73
CA LEU A 5 -11.91 30.50 -21.12
C LEU A 5 -11.17 29.94 -19.92
N PRO A 6 -10.24 29.00 -20.11
CA PRO A 6 -9.32 28.62 -19.04
C PRO A 6 -8.54 29.83 -18.54
N PRO A 7 -8.20 29.91 -17.24
CA PRO A 7 -7.34 30.98 -16.75
C PRO A 7 -5.94 30.88 -17.37
N GLY A 8 -5.41 32.02 -17.83
CA GLY A 8 -4.06 32.11 -18.41
C GLY A 8 -4.01 31.77 -19.89
N VAL A 9 -5.15 31.51 -20.56
CA VAL A 9 -5.16 31.14 -22.00
C VAL A 9 -5.95 32.20 -22.79
N SER A 10 -5.36 32.74 -23.85
CA SER A 10 -6.02 33.70 -24.78
C SER A 10 -7.19 33.01 -25.47
N ASP A 11 -8.19 33.77 -25.92
CA ASP A 11 -9.27 33.25 -26.77
C ASP A 11 -8.67 32.54 -28.01
N GLU A 12 -7.62 33.11 -28.62
CA GLU A 12 -6.98 32.58 -29.86
C GLU A 12 -6.39 31.20 -29.54
N ASP A 13 -5.61 31.10 -28.47
CA ASP A 13 -4.94 29.83 -28.06
C ASP A 13 -5.99 28.80 -27.69
N PHE A 14 -7.09 29.20 -27.07
CA PHE A 14 -8.20 28.28 -26.74
C PHE A 14 -8.82 27.74 -28.04
N THR A 15 -9.03 28.62 -29.03
CA THR A 15 -9.63 28.25 -30.35
C THR A 15 -8.73 27.22 -31.04
N SER A 16 -7.42 27.45 -31.01
CA SER A 16 -6.39 26.59 -31.63
C SER A 16 -6.38 25.22 -30.96
N ALA A 17 -6.43 25.19 -29.63
CA ALA A 17 -6.43 23.97 -28.80
C ALA A 17 -7.65 23.11 -29.11
N LEU A 18 -8.85 23.73 -29.15
CA LEU A 18 -10.11 23.03 -29.44
C LEU A 18 -10.02 22.36 -30.83
N THR A 19 -9.53 23.06 -31.86
CA THR A 19 -9.30 22.51 -33.22
C THR A 19 -8.37 21.31 -33.12
N ALA A 20 -7.22 21.47 -32.47
CA ALA A 20 -6.22 20.41 -32.25
C ALA A 20 -6.86 19.24 -31.49
N PHE A 21 -7.71 19.50 -30.47
CA PHE A 21 -8.36 18.39 -29.70
C PHE A 21 -9.34 17.69 -30.63
N ARG A 22 -10.12 18.41 -31.43
CA ARG A 22 -11.03 17.78 -32.41
C ARG A 22 -10.21 16.91 -33.36
N ASP A 23 -9.04 17.40 -33.75
CA ASP A 23 -8.15 16.73 -34.74
C ASP A 23 -7.79 15.33 -34.24
N VAL A 24 -7.70 15.16 -32.93
CA VAL A 24 -7.35 13.89 -32.28
C VAL A 24 -8.57 13.00 -32.01
N VAL A 25 -9.62 13.49 -31.32
CA VAL A 25 -10.68 12.63 -30.70
C VAL A 25 -11.92 12.59 -31.59
N GLY A 26 -12.08 13.58 -32.46
CA GLY A 26 -13.32 13.74 -33.24
C GLY A 26 -14.18 14.85 -32.68
N ASP A 27 -14.76 15.63 -33.59
CA ASP A 27 -15.61 16.80 -33.29
C ASP A 27 -16.66 16.40 -32.23
N GLU A 28 -17.25 15.22 -32.35
CA GLU A 28 -18.32 14.69 -31.45
C GLU A 28 -17.83 14.64 -29.99
N PHE A 29 -16.53 14.44 -29.79
CA PHE A 29 -15.90 14.17 -28.47
C PHE A 29 -15.12 15.40 -27.96
N VAL A 30 -15.42 16.56 -28.55
CA VAL A 30 -15.05 17.89 -27.97
C VAL A 30 -16.34 18.70 -27.78
N ARG A 31 -16.74 18.87 -26.52
CA ARG A 31 -18.00 19.51 -26.18
C ARG A 31 -17.82 20.87 -25.56
N THR A 32 -18.43 21.87 -26.14
CA THR A 32 -18.27 23.23 -25.68
C THR A 32 -19.61 23.91 -25.50
N ASP A 33 -20.68 23.24 -25.90
CA ASP A 33 -21.99 23.82 -25.78
C ASP A 33 -22.45 23.92 -24.35
N GLU A 34 -23.10 25.03 -24.01
CA GLU A 34 -23.55 25.26 -22.64
C GLU A 34 -24.37 24.16 -22.06
N ALA A 35 -25.20 23.55 -22.88
CA ALA A 35 -26.01 22.47 -22.42
C ALA A 35 -25.20 21.26 -22.04
N GLU A 36 -24.15 21.00 -22.79
CA GLU A 36 -23.33 19.78 -22.52
C GLU A 36 -22.46 20.06 -21.29
N LEU A 37 -21.98 21.30 -21.12
CA LEU A 37 -21.14 21.72 -19.97
C LEU A 37 -21.92 21.69 -18.65
N ALA A 38 -23.20 22.10 -18.67
CA ALA A 38 -24.08 22.19 -17.48
C ALA A 38 -24.15 20.80 -16.84
N ARG A 39 -23.99 19.77 -17.67
CA ARG A 39 -24.08 18.35 -17.25
C ARG A 39 -22.86 17.95 -16.41
N PHE A 40 -21.80 18.80 -16.36
CA PHE A 40 -20.52 18.61 -15.61
C PHE A 40 -20.43 19.64 -14.48
N HIS A 41 -21.53 20.33 -14.20
CA HIS A 41 -21.70 21.14 -12.98
C HIS A 41 -21.62 20.20 -11.77
N ASP A 42 -20.94 20.62 -10.73
CA ASP A 42 -21.09 19.99 -9.41
C ASP A 42 -22.59 20.02 -9.09
N PRO A 43 -23.26 18.88 -8.84
CA PRO A 43 -24.68 18.89 -8.50
C PRO A 43 -24.89 19.43 -7.08
N TYR A 44 -23.86 19.39 -6.25
CA TYR A 44 -24.00 19.80 -4.87
C TYR A 44 -23.05 20.94 -4.55
N PRO A 45 -23.22 22.12 -5.23
CA PRO A 45 -22.23 23.13 -4.92
C PRO A 45 -22.31 23.70 -3.52
N VAL A 46 -21.18 24.02 -2.96
CA VAL A 46 -21.14 24.55 -1.60
C VAL A 46 -20.81 26.03 -1.52
N GLY A 47 -20.38 26.63 -2.59
CA GLY A 47 -20.16 28.05 -2.52
C GLY A 47 -21.23 28.60 -3.38
N ASP A 48 -20.86 29.09 -4.53
CA ASP A 48 -21.86 29.53 -5.44
C ASP A 48 -22.26 28.31 -6.16
N ALA A 49 -21.92 28.25 -7.42
CA ALA A 49 -22.35 27.17 -8.22
C ALA A 49 -21.57 27.51 -9.44
N ASP A 50 -21.24 28.78 -9.58
CA ASP A 50 -20.44 29.25 -10.69
C ASP A 50 -18.96 29.08 -10.35
N ALA A 51 -18.66 28.57 -9.16
CA ALA A 51 -17.26 28.50 -8.78
C ALA A 51 -16.35 27.53 -9.53
N HIS A 52 -16.88 26.45 -10.05
CA HIS A 52 -16.05 25.43 -10.69
C HIS A 52 -16.65 25.01 -12.02
N LEU A 53 -16.25 25.67 -13.09
CA LEU A 53 -16.80 25.39 -14.39
C LEU A 53 -15.84 24.82 -15.40
N ALA A 54 -16.36 24.10 -16.36
CA ALA A 54 -15.60 23.49 -17.45
C ALA A 54 -15.69 24.42 -18.67
N SER A 55 -14.57 24.72 -19.29
CA SER A 55 -14.53 25.48 -20.58
C SER A 55 -14.82 24.52 -21.73
N ALA A 56 -14.56 23.21 -21.54
CA ALA A 56 -14.88 22.15 -22.53
C ALA A 56 -14.70 20.79 -21.89
N VAL A 57 -15.21 19.77 -22.58
CA VAL A 57 -15.05 18.35 -22.18
C VAL A 57 -14.52 17.58 -23.41
N ILE A 58 -13.42 16.87 -23.20
CA ILE A 58 -12.70 16.08 -24.23
C ILE A 58 -12.80 14.61 -23.86
N SER A 59 -13.28 13.79 -24.79
CA SER A 59 -13.42 12.34 -24.57
C SER A 59 -12.47 11.56 -25.48
N PRO A 60 -11.24 11.24 -25.02
CA PRO A 60 -10.26 10.50 -25.83
C PRO A 60 -10.64 9.01 -25.94
N ARG A 61 -10.32 8.42 -27.09
CA ARG A 61 -10.70 7.03 -27.39
C ARG A 61 -9.84 6.05 -26.57
N ASP A 62 -8.56 6.37 -26.36
CA ASP A 62 -7.57 5.33 -25.95
C ASP A 62 -6.34 6.06 -25.39
N THR A 63 -5.38 5.31 -24.88
CA THR A 63 -4.17 5.89 -24.24
C THR A 63 -3.47 6.83 -25.21
N GLU A 64 -3.30 6.40 -26.46
CA GLU A 64 -2.62 7.19 -27.51
C GLU A 64 -3.29 8.58 -27.62
N GLN A 65 -4.62 8.64 -27.69
CA GLN A 65 -5.33 9.95 -27.74
C GLN A 65 -5.12 10.71 -26.43
N VAL A 66 -5.10 10.04 -25.27
CA VAL A 66 -4.84 10.74 -23.98
C VAL A 66 -3.48 11.45 -24.10
N GLN A 67 -2.47 10.75 -24.61
CA GLN A 67 -1.10 11.29 -24.81
C GLN A 67 -1.13 12.51 -25.73
N GLU A 68 -1.84 12.43 -26.85
CA GLU A 68 -1.86 13.52 -27.83
C GLU A 68 -2.64 14.71 -27.24
N VAL A 69 -3.79 14.51 -26.58
CA VAL A 69 -4.50 15.67 -25.98
C VAL A 69 -3.61 16.30 -24.91
N VAL A 70 -2.82 15.52 -24.18
CA VAL A 70 -1.92 16.10 -23.12
C VAL A 70 -0.86 16.96 -23.83
N ARG A 71 -0.27 16.47 -24.92
CA ARG A 71 0.78 17.24 -25.69
C ARG A 71 0.16 18.54 -26.24
N ILE A 72 -1.10 18.49 -26.70
CA ILE A 72 -1.82 19.68 -27.22
C ILE A 72 -2.00 20.68 -26.08
N ALA A 73 -2.48 20.20 -24.93
CA ALA A 73 -2.64 21.01 -23.69
C ALA A 73 -1.31 21.69 -23.35
N ASN A 74 -0.17 20.99 -23.47
CA ASN A 74 1.18 21.55 -23.14
C ASN A 74 1.50 22.67 -24.14
N ARG A 75 1.24 22.46 -25.43
CA ARG A 75 1.58 23.44 -26.48
C ARG A 75 0.87 24.75 -26.15
N TYR A 76 -0.40 24.69 -25.75
CA TYR A 76 -1.27 25.88 -25.66
C TYR A 76 -1.51 26.33 -24.21
N GLY A 77 -0.95 25.66 -23.20
CA GLY A 77 -1.12 26.02 -21.78
C GLY A 77 -2.53 25.73 -21.28
N ILE A 78 -3.21 24.74 -21.84
CA ILE A 78 -4.60 24.41 -21.44
C ILE A 78 -4.60 23.57 -20.16
N PRO A 79 -5.22 24.05 -19.07
CA PRO A 79 -5.34 23.24 -17.86
C PRO A 79 -6.36 22.12 -18.13
N LEU A 80 -6.01 20.90 -17.78
CA LEU A 80 -6.99 19.81 -17.93
C LEU A 80 -7.24 19.06 -16.60
N SER A 81 -8.51 18.97 -16.26
CA SER A 81 -9.01 18.19 -15.11
C SER A 81 -9.38 16.80 -15.62
N VAL A 82 -9.62 15.85 -14.73
CA VAL A 82 -9.74 14.42 -15.14
C VAL A 82 -10.94 13.81 -14.42
N ILE A 83 -11.81 13.15 -15.17
CA ILE A 83 -12.85 12.29 -14.54
C ILE A 83 -12.67 10.89 -15.11
N SER A 84 -13.18 9.90 -14.36
CA SER A 84 -13.44 8.55 -14.87
C SER A 84 -14.90 8.55 -15.29
N THR A 85 -15.81 8.49 -14.33
CA THR A 85 -17.28 8.62 -14.53
C THR A 85 -17.77 9.98 -13.99
N GLY A 86 -16.95 10.66 -13.19
CA GLY A 86 -17.26 12.02 -12.66
C GLY A 86 -18.43 12.02 -11.68
N ARG A 87 -18.63 10.98 -10.88
CA ARG A 87 -19.73 10.91 -9.90
C ARG A 87 -19.19 11.21 -8.51
N ASN A 88 -18.21 12.09 -8.41
CA ASN A 88 -17.50 12.38 -7.14
C ASN A 88 -18.39 13.32 -6.31
N ASN A 89 -19.64 12.94 -6.08
CA ASN A 89 -20.66 13.78 -5.43
C ASN A 89 -20.32 13.84 -3.93
N GLY A 90 -20.36 15.05 -3.36
CA GLY A 90 -19.81 15.34 -2.02
C GLY A 90 -18.47 16.02 -2.13
N TYR A 91 -17.83 15.95 -3.31
CA TYR A 91 -16.41 16.33 -3.51
C TYR A 91 -16.22 17.25 -4.72
N GLY A 92 -17.29 17.55 -5.46
CA GLY A 92 -17.26 18.43 -6.64
C GLY A 92 -17.90 17.81 -7.87
N GLY A 93 -18.32 16.55 -7.82
CA GLY A 93 -18.85 15.87 -9.01
C GLY A 93 -17.80 15.81 -10.09
N SER A 94 -18.13 16.25 -11.30
CA SER A 94 -17.13 16.25 -12.41
C SER A 94 -16.50 17.63 -12.59
N ALA A 95 -16.74 18.58 -11.69
CA ALA A 95 -16.31 19.97 -11.87
C ALA A 95 -14.82 20.05 -11.53
N PRO A 96 -14.07 20.85 -12.30
CA PRO A 96 -12.64 21.01 -12.06
C PRO A 96 -12.36 21.88 -10.83
N ARG A 97 -11.32 21.54 -10.09
CA ARG A 97 -10.82 22.45 -9.03
C ARG A 97 -10.56 23.83 -9.66
N LEU A 98 -9.82 23.87 -10.76
CA LEU A 98 -9.50 25.15 -11.42
C LEU A 98 -10.62 25.49 -12.38
N SER A 99 -11.39 26.51 -12.00
CA SER A 99 -12.53 27.02 -12.79
C SER A 99 -12.07 27.38 -14.21
N GLY A 100 -12.72 26.85 -15.23
CA GLY A 100 -12.32 27.07 -16.64
C GLY A 100 -11.47 25.92 -17.17
N ALA A 101 -11.07 24.95 -16.34
CA ALA A 101 -10.25 23.83 -16.85
C ALA A 101 -11.06 23.12 -17.95
N VAL A 102 -10.34 22.47 -18.83
CA VAL A 102 -10.94 21.48 -19.75
C VAL A 102 -10.96 20.11 -19.10
N VAL A 103 -12.13 19.48 -19.05
CA VAL A 103 -12.32 18.15 -18.43
C VAL A 103 -11.92 17.08 -19.45
N VAL A 104 -10.99 16.21 -19.06
CA VAL A 104 -10.69 14.97 -19.83
C VAL A 104 -11.59 13.88 -19.28
N ASN A 105 -12.59 13.48 -20.07
CA ASN A 105 -13.56 12.43 -19.75
C ASN A 105 -12.98 11.10 -20.23
N THR A 106 -12.28 10.40 -19.36
CA THR A 106 -11.58 9.14 -19.70
C THR A 106 -12.60 8.00 -19.84
N GLY A 107 -13.73 8.06 -19.12
CA GLY A 107 -14.69 6.97 -18.99
C GLY A 107 -15.59 6.85 -20.20
N GLU A 108 -15.83 7.93 -20.95
CA GLU A 108 -16.89 7.87 -21.99
C GLU A 108 -16.54 6.78 -23.02
N ARG A 109 -15.31 6.77 -23.52
CA ARG A 109 -14.88 5.81 -24.57
C ARG A 109 -13.93 4.76 -23.97
N MET A 110 -13.17 5.07 -22.93
CA MET A 110 -12.30 4.02 -22.33
C MET A 110 -13.06 3.35 -21.17
N ASN A 111 -13.91 2.39 -21.53
CA ASN A 111 -14.97 1.82 -20.64
C ASN A 111 -14.94 0.30 -20.68
N ARG A 112 -13.82 -0.31 -21.09
CA ARG A 112 -13.72 -1.75 -21.32
C ARG A 112 -13.14 -2.43 -20.06
N ILE A 113 -13.69 -3.59 -19.72
CA ILE A 113 -13.07 -4.61 -18.85
C ILE A 113 -12.07 -5.35 -19.74
N LEU A 114 -10.77 -5.12 -19.51
CA LEU A 114 -9.71 -5.60 -20.43
C LEU A 114 -9.38 -7.05 -20.09
N GLU A 115 -9.46 -7.43 -18.82
CA GLU A 115 -9.22 -8.86 -18.48
C GLU A 115 -9.76 -9.15 -17.08
N VAL A 116 -10.26 -10.37 -16.91
CA VAL A 116 -10.66 -10.91 -15.59
C VAL A 116 -10.05 -12.30 -15.45
N ASP A 117 -9.24 -12.51 -14.42
CA ASP A 117 -8.69 -13.85 -14.11
C ASP A 117 -9.46 -14.38 -12.92
N GLU A 118 -10.29 -15.38 -13.14
CA GLU A 118 -11.16 -16.00 -12.10
C GLU A 118 -10.31 -16.66 -11.03
N LYS A 119 -9.25 -17.38 -11.41
CA LYS A 119 -8.51 -18.26 -10.45
C LYS A 119 -7.60 -17.37 -9.58
N LEU A 120 -6.95 -16.38 -10.16
CA LEU A 120 -5.99 -15.50 -9.42
C LEU A 120 -6.72 -14.25 -8.91
N GLY A 121 -7.98 -14.05 -9.29
CA GLY A 121 -8.91 -13.11 -8.66
C GLY A 121 -8.50 -11.68 -8.88
N TYR A 122 -8.57 -11.21 -10.13
CA TYR A 122 -8.26 -9.81 -10.49
C TYR A 122 -8.99 -9.42 -11.77
N ALA A 123 -9.09 -8.12 -11.98
CA ALA A 123 -9.60 -7.48 -13.21
C ALA A 123 -8.56 -6.47 -13.65
N LEU A 124 -8.47 -6.23 -14.96
CA LEU A 124 -7.65 -5.15 -15.53
C LEU A 124 -8.73 -4.27 -16.13
N LEU A 125 -8.83 -3.05 -15.68
CA LEU A 125 -9.92 -2.18 -16.08
C LEU A 125 -9.55 -0.84 -16.69
N GLU A 126 -10.41 -0.40 -17.58
CA GLU A 126 -10.50 0.99 -17.99
C GLU A 126 -11.37 1.91 -17.12
N PRO A 127 -11.12 3.23 -17.20
CA PRO A 127 -11.84 4.11 -16.27
C PRO A 127 -13.37 4.19 -16.32
N GLY A 128 -13.99 3.89 -17.44
CA GLY A 128 -15.42 3.94 -17.56
C GLY A 128 -16.18 2.75 -17.03
N VAL A 129 -15.46 1.74 -16.55
CA VAL A 129 -16.12 0.56 -15.93
C VAL A 129 -16.74 1.00 -14.60
N THR A 130 -18.06 0.90 -14.49
CA THR A 130 -18.78 1.21 -13.24
C THR A 130 -18.79 -0.06 -12.39
N TYR A 131 -19.10 0.12 -11.10
CA TYR A 131 -19.35 -1.02 -10.19
C TYR A 131 -20.46 -1.91 -10.76
N PHE A 132 -21.53 -1.32 -11.29
CA PHE A 132 -22.61 -2.04 -11.99
C PHE A 132 -22.02 -2.85 -13.15
N ASP A 133 -21.24 -2.23 -14.02
CA ASP A 133 -20.61 -2.94 -15.17
C ASP A 133 -19.85 -4.16 -14.67
N LEU A 134 -18.99 -3.99 -13.66
CA LEU A 134 -18.03 -5.05 -13.29
C LEU A 134 -18.83 -6.19 -12.68
N HIS A 135 -19.74 -5.84 -11.77
CA HIS A 135 -20.74 -6.74 -11.18
C HIS A 135 -21.39 -7.57 -12.29
N GLU A 136 -21.94 -6.92 -13.32
CA GLU A 136 -22.68 -7.60 -14.41
C GLU A 136 -21.74 -8.61 -15.05
N TYR A 137 -20.52 -8.16 -15.36
CA TYR A 137 -19.49 -8.99 -16.04
C TYR A 137 -19.16 -10.21 -15.18
N LEU A 138 -18.83 -10.01 -13.90
CA LEU A 138 -18.47 -11.12 -12.99
C LEU A 138 -19.67 -12.06 -12.94
N GLU A 139 -20.92 -11.57 -12.76
CA GLU A 139 -22.12 -12.47 -12.66
C GLU A 139 -22.21 -13.36 -13.91
N ALA A 140 -21.82 -12.86 -15.07
CA ALA A 140 -22.00 -13.54 -16.38
C ALA A 140 -20.79 -14.43 -16.69
N HIS A 141 -19.59 -13.98 -16.36
CA HIS A 141 -18.36 -14.66 -16.73
C HIS A 141 -17.37 -15.18 -15.65
N ALA A 142 -17.36 -14.60 -14.47
CA ALA A 142 -16.50 -15.07 -13.36
C ALA A 142 -17.22 -15.05 -12.04
N PRO A 143 -18.28 -15.85 -11.92
CA PRO A 143 -19.15 -15.79 -10.74
C PRO A 143 -18.63 -16.20 -9.38
N SER A 144 -17.41 -16.66 -9.27
CA SER A 144 -16.85 -17.02 -8.02
C SER A 144 -16.29 -15.77 -7.38
N LEU A 145 -16.19 -14.70 -8.15
CA LEU A 145 -15.64 -13.46 -7.65
C LEU A 145 -16.69 -12.40 -7.31
N MET A 146 -16.33 -11.45 -6.46
CA MET A 146 -17.26 -10.35 -6.15
C MET A 146 -16.47 -9.04 -6.13
N ILE A 147 -17.15 -7.92 -6.40
CA ILE A 147 -16.53 -6.56 -6.33
C ILE A 147 -16.55 -6.08 -4.89
N ASP A 148 -15.89 -4.97 -4.63
CA ASP A 148 -16.12 -4.17 -3.41
C ASP A 148 -16.63 -2.81 -3.87
N CYS A 149 -17.87 -2.49 -3.53
CA CYS A 149 -18.53 -1.23 -4.00
C CYS A 149 -18.70 -0.28 -2.82
N PRO A 150 -18.68 1.04 -3.11
CA PRO A 150 -19.08 2.05 -2.16
C PRO A 150 -20.62 2.04 -2.17
N ASP A 151 -21.23 2.94 -1.42
CA ASP A 151 -22.70 2.96 -1.22
C ASP A 151 -23.44 2.95 -2.59
N LEU A 152 -22.92 3.61 -3.62
CA LEU A 152 -23.73 3.93 -4.84
C LEU A 152 -23.42 3.04 -6.05
N GLY A 153 -22.19 2.87 -6.49
CA GLY A 153 -22.01 1.85 -7.56
C GLY A 153 -22.30 2.32 -8.99
N TRP A 154 -22.84 3.53 -9.21
CA TRP A 154 -22.77 4.18 -10.55
C TRP A 154 -21.39 4.80 -10.76
N GLY A 155 -20.49 4.77 -9.76
CA GLY A 155 -19.15 5.34 -9.92
C GLY A 155 -18.20 4.38 -10.63
N SER A 156 -16.94 4.78 -10.76
CA SER A 156 -15.89 4.04 -11.51
C SER A 156 -15.03 3.26 -10.52
N VAL A 157 -14.82 1.99 -10.81
CA VAL A 157 -13.89 1.13 -10.02
C VAL A 157 -12.52 1.80 -9.99
N VAL A 158 -12.10 2.38 -11.11
CA VAL A 158 -10.83 3.13 -11.25
C VAL A 158 -10.95 4.47 -10.53
N GLY A 159 -11.89 5.32 -10.94
CA GLY A 159 -12.08 6.68 -10.40
C GLY A 159 -12.14 6.68 -8.88
N ASN A 160 -12.95 5.79 -8.29
CA ASN A 160 -13.09 5.71 -6.82
C ASN A 160 -11.74 5.38 -6.20
N ALA A 161 -11.01 4.38 -6.72
CA ALA A 161 -9.69 3.94 -6.18
C ALA A 161 -8.69 5.09 -6.24
N LEU A 162 -8.75 5.88 -7.31
CA LEU A 162 -7.84 7.04 -7.49
C LEU A 162 -8.17 8.18 -6.54
N ASP A 163 -9.39 8.27 -5.97
CA ASP A 163 -9.63 9.26 -4.88
C ASP A 163 -9.46 8.56 -3.53
N ARG A 164 -8.95 7.32 -3.54
CA ARG A 164 -8.79 6.45 -2.35
C ARG A 164 -10.12 6.31 -1.62
N GLY A 165 -11.19 6.04 -2.36
CA GLY A 165 -12.52 5.67 -1.83
C GLY A 165 -12.49 4.32 -1.14
N ALA A 166 -13.63 3.88 -0.61
CA ALA A 166 -13.73 2.62 0.14
C ALA A 166 -15.13 2.03 0.00
N GLY A 167 -15.20 0.72 0.19
CA GLY A 167 -16.44 -0.06 0.37
C GLY A 167 -16.35 -0.85 1.66
N TYR A 168 -17.15 -1.90 1.82
CA TYR A 168 -17.49 -2.44 3.16
C TYR A 168 -17.24 -3.94 3.26
N THR A 169 -16.86 -4.63 2.17
CA THR A 169 -16.40 -6.03 2.20
C THR A 169 -14.98 -6.05 2.79
N PRO A 170 -14.40 -7.24 3.01
CA PRO A 170 -13.00 -7.33 3.40
C PRO A 170 -12.04 -6.63 2.41
N TYR A 171 -12.45 -6.39 1.17
CA TYR A 171 -11.63 -5.65 0.16
C TYR A 171 -12.03 -4.16 0.12
N GLY A 172 -12.48 -3.60 1.24
CA GLY A 172 -13.05 -2.24 1.33
C GLY A 172 -12.08 -1.13 0.97
N ASP A 173 -10.79 -1.26 1.27
CA ASP A 173 -9.74 -0.27 0.98
C ASP A 173 -9.40 -0.42 -0.50
N HIS A 174 -10.01 0.38 -1.38
CA HIS A 174 -9.88 0.24 -2.85
C HIS A 174 -8.43 0.44 -3.30
N PHE A 175 -7.74 1.44 -2.77
CA PHE A 175 -6.34 1.68 -3.19
C PHE A 175 -5.45 0.47 -2.85
N MET A 176 -5.61 -0.10 -1.65
CA MET A 176 -4.87 -1.32 -1.20
C MET A 176 -4.93 -2.39 -2.30
N TRP A 177 -6.13 -2.69 -2.81
CA TRP A 177 -6.36 -3.81 -3.76
C TRP A 177 -6.07 -3.35 -5.20
N GLN A 178 -5.87 -2.07 -5.44
CA GLN A 178 -5.38 -1.60 -6.74
C GLN A 178 -4.01 -2.27 -6.96
N THR A 179 -3.82 -2.87 -8.12
CA THR A 179 -2.60 -3.62 -8.49
C THR A 179 -2.28 -3.28 -9.93
N GLY A 180 -1.26 -2.44 -10.12
CA GLY A 180 -0.75 -1.97 -11.42
C GLY A 180 -1.59 -0.87 -12.02
N MET A 181 -0.90 0.04 -12.71
CA MET A 181 -1.48 1.15 -13.49
C MET A 181 -0.75 1.35 -14.79
N GLU A 182 -1.49 1.83 -15.77
CA GLU A 182 -1.00 2.58 -16.94
C GLU A 182 -1.41 4.04 -16.78
N VAL A 183 -0.44 4.94 -16.83
CA VAL A 183 -0.69 6.37 -16.58
C VAL A 183 0.05 7.22 -17.61
N VAL A 184 -0.66 8.20 -18.15
CA VAL A 184 -0.07 9.24 -19.03
C VAL A 184 0.42 10.38 -18.15
N LEU A 185 1.73 10.62 -18.18
CA LEU A 185 2.40 11.69 -17.38
C LEU A 185 2.09 13.05 -17.99
N PRO A 186 2.26 14.13 -17.21
CA PRO A 186 1.81 15.45 -17.64
C PRO A 186 2.36 16.06 -18.94
N GLN A 187 3.46 15.54 -19.49
CA GLN A 187 3.97 16.01 -20.82
C GLN A 187 3.61 15.02 -21.93
N GLY A 188 2.96 13.90 -21.58
CA GLY A 188 2.33 13.01 -22.58
C GLY A 188 3.06 11.70 -22.74
N ASP A 189 4.04 11.41 -21.89
CA ASP A 189 4.68 10.08 -21.82
C ASP A 189 3.72 9.12 -21.11
N VAL A 190 3.81 7.84 -21.46
CA VAL A 190 2.98 6.76 -20.85
C VAL A 190 3.94 5.83 -20.14
N MET A 191 3.49 5.30 -19.01
CA MET A 191 4.29 4.34 -18.25
C MET A 191 3.33 3.38 -17.58
N ARG A 192 3.80 2.17 -17.36
CA ARG A 192 3.11 1.11 -16.61
C ARG A 192 3.85 0.93 -15.29
N THR A 193 3.10 0.85 -14.18
CA THR A 193 3.69 0.68 -12.84
C THR A 193 3.85 -0.80 -12.54
N GLY A 194 4.67 -1.09 -11.52
CA GLY A 194 4.92 -2.42 -10.98
C GLY A 194 5.43 -3.37 -12.04
N MET A 195 4.87 -4.57 -12.04
CA MET A 195 5.34 -5.69 -12.88
C MET A 195 4.87 -5.44 -14.31
N GLY A 196 4.02 -4.45 -14.53
CA GLY A 196 3.60 -4.04 -15.89
C GLY A 196 4.75 -3.41 -16.65
N ALA A 197 5.76 -2.87 -15.98
CA ALA A 197 6.89 -2.17 -16.65
C ALA A 197 7.81 -3.22 -17.29
N LEU A 198 7.71 -4.49 -16.90
CA LEU A 198 8.40 -5.64 -17.55
C LEU A 198 7.62 -6.12 -18.78
N PRO A 199 8.10 -5.94 -20.02
CA PRO A 199 7.35 -6.40 -21.20
C PRO A 199 6.98 -7.88 -21.13
N GLY A 200 5.71 -8.21 -21.38
CA GLY A 200 5.22 -9.60 -21.43
C GLY A 200 5.02 -10.20 -20.05
N SER A 201 5.09 -9.40 -18.99
CA SER A 201 4.88 -9.91 -17.60
C SER A 201 3.43 -10.39 -17.49
N THR A 202 3.20 -11.41 -16.68
CA THR A 202 1.92 -12.08 -16.42
C THR A 202 1.49 -11.75 -14.98
N THR A 203 2.17 -10.82 -14.32
CA THR A 203 2.09 -10.59 -12.85
C THR A 203 1.63 -9.15 -12.53
N TRP A 204 1.23 -8.36 -13.52
CA TRP A 204 0.88 -6.92 -13.37
C TRP A 204 -0.15 -6.75 -12.24
N GLN A 205 -1.13 -7.64 -12.21
CA GLN A 205 -2.27 -7.55 -11.28
C GLN A 205 -2.10 -8.48 -10.06
N LEU A 206 -0.92 -9.01 -9.74
CA LEU A 206 -0.93 -9.93 -8.57
C LEU A 206 0.06 -9.54 -7.49
N ILE A 207 0.88 -8.51 -7.72
CA ILE A 207 1.69 -7.87 -6.66
C ILE A 207 1.73 -6.39 -7.02
N PRO A 208 1.45 -5.48 -6.07
CA PRO A 208 1.35 -4.06 -6.40
C PRO A 208 2.68 -3.31 -6.68
N TYR A 209 3.86 -3.84 -6.32
CA TYR A 209 5.11 -3.06 -6.14
C TYR A 209 6.06 -3.00 -7.36
N GLY A 210 6.47 -4.14 -7.89
CA GLY A 210 7.61 -4.22 -8.84
C GLY A 210 8.99 -3.85 -8.26
N PHE A 211 9.96 -3.50 -9.13
CA PHE A 211 11.36 -3.19 -8.74
C PHE A 211 11.56 -1.68 -8.63
N GLY A 212 12.28 -1.25 -7.60
CA GLY A 212 12.61 0.16 -7.38
C GLY A 212 11.46 0.88 -6.70
N PRO A 213 11.47 2.23 -6.69
CA PRO A 213 10.48 3.02 -5.96
C PRO A 213 9.05 2.69 -6.41
N TYR A 214 8.13 2.58 -5.45
CA TYR A 214 6.75 2.19 -5.71
C TYR A 214 5.96 3.46 -5.91
N PRO A 215 5.47 3.70 -7.13
CA PRO A 215 4.84 4.98 -7.44
C PRO A 215 3.31 5.19 -7.41
N ASP A 216 2.52 4.13 -7.37
CA ASP A 216 1.07 4.20 -7.63
C ASP A 216 0.35 5.17 -6.71
N GLY A 217 0.72 5.19 -5.45
CA GLY A 217 0.13 6.13 -4.51
C GLY A 217 0.21 7.57 -4.93
N MET A 218 1.26 7.94 -5.63
CA MET A 218 1.44 9.30 -6.08
C MET A 218 0.47 9.67 -7.18
N PHE A 219 -0.28 8.72 -7.71
CA PHE A 219 -1.29 8.99 -8.71
C PHE A 219 -2.70 8.88 -8.09
N THR A 220 -2.78 8.82 -6.77
CA THR A 220 -4.09 8.83 -6.04
C THR A 220 -4.21 10.15 -5.28
N GLN A 221 -5.43 10.72 -5.27
CA GLN A 221 -5.75 12.09 -4.85
C GLN A 221 -4.73 13.05 -5.45
N SER A 222 -4.45 12.92 -6.75
CA SER A 222 -3.26 13.45 -7.42
C SER A 222 -3.59 14.08 -8.78
N ASN A 223 -2.73 15.00 -9.19
CA ASN A 223 -2.73 15.64 -10.54
C ASN A 223 -1.41 15.34 -11.26
N LEU A 224 -0.73 14.24 -10.92
CA LEU A 224 0.56 13.85 -11.54
C LEU A 224 0.33 13.01 -12.81
N GLY A 225 -0.89 12.64 -13.13
CA GLY A 225 -1.10 11.81 -14.33
C GLY A 225 -2.55 11.50 -14.60
N ILE A 226 -2.83 11.10 -15.83
CA ILE A 226 -4.14 10.55 -16.27
C ILE A 226 -3.99 9.03 -16.41
N VAL A 227 -4.72 8.30 -15.56
CA VAL A 227 -4.72 6.82 -15.52
C VAL A 227 -5.62 6.32 -16.65
N THR A 228 -5.13 5.35 -17.43
CA THR A 228 -5.81 4.83 -18.62
C THR A 228 -6.17 3.36 -18.41
N LYS A 229 -5.45 2.67 -17.50
CA LYS A 229 -5.71 1.26 -17.13
C LYS A 229 -5.28 1.08 -15.68
N MET A 230 -6.03 0.26 -14.95
CA MET A 230 -5.80 -0.01 -13.52
C MET A 230 -6.30 -1.42 -13.23
N GLY A 231 -5.42 -2.20 -12.60
CA GLY A 231 -5.75 -3.51 -12.07
C GLY A 231 -6.39 -3.38 -10.71
N ILE A 232 -7.26 -4.32 -10.37
CA ILE A 232 -7.79 -4.45 -8.99
C ILE A 232 -7.96 -5.94 -8.67
N ALA A 233 -7.51 -6.34 -7.50
CA ALA A 233 -7.73 -7.70 -6.97
C ALA A 233 -9.22 -7.84 -6.64
N LEU A 234 -9.77 -9.03 -6.85
CA LEU A 234 -11.20 -9.36 -6.61
C LEU A 234 -11.29 -10.54 -5.65
N MET A 235 -12.02 -10.34 -4.54
CA MET A 235 -12.28 -11.37 -3.52
C MET A 235 -13.16 -12.48 -4.13
N GLN A 236 -12.87 -13.72 -3.75
CA GLN A 236 -13.75 -14.90 -3.93
C GLN A 236 -15.01 -14.72 -3.07
N LYS A 237 -16.19 -15.01 -3.62
CA LYS A 237 -17.42 -15.12 -2.81
C LYS A 237 -17.19 -16.22 -1.79
N PRO A 238 -17.54 -16.01 -0.51
CA PRO A 238 -17.51 -17.07 0.50
C PRO A 238 -18.72 -17.99 0.31
N PRO A 239 -18.70 -19.21 0.97
CA PRO A 239 -19.86 -20.06 0.69
C PRO A 239 -21.18 -19.51 1.19
N ALA A 240 -21.12 -18.69 2.23
CA ALA A 240 -22.31 -18.08 2.76
C ALA A 240 -22.03 -16.78 3.44
N SER A 241 -23.07 -16.01 3.69
CA SER A 241 -22.94 -14.73 4.35
C SER A 241 -24.15 -14.37 5.15
N MET A 242 -23.96 -13.57 6.18
CA MET A 242 -25.06 -13.10 6.96
C MET A 242 -24.78 -11.67 7.41
N THR A 243 -25.74 -10.78 7.28
CA THR A 243 -25.63 -9.37 7.71
C THR A 243 -26.55 -9.12 8.91
N TYR A 244 -26.09 -8.40 9.92
CA TYR A 244 -26.88 -8.13 11.14
C TYR A 244 -26.94 -6.62 11.42
N GLN A 245 -27.99 -6.23 12.14
CA GLN A 245 -28.18 -4.87 12.68
C GLN A 245 -28.18 -4.96 14.22
N ILE A 246 -27.39 -4.10 14.87
CA ILE A 246 -27.49 -3.84 16.33
C ILE A 246 -27.94 -2.40 16.53
N THR A 247 -29.15 -2.22 17.07
CA THR A 247 -29.72 -0.93 17.52
C THR A 247 -29.21 -0.68 18.94
N PHE A 248 -28.87 0.56 19.25
CA PHE A 248 -28.46 1.05 20.59
C PHE A 248 -29.28 2.32 20.90
N GLU A 249 -29.91 2.34 22.08
CA GLU A 249 -30.96 3.32 22.43
C GLU A 249 -30.33 4.68 22.60
N ASN A 250 -29.16 4.74 23.24
CA ASN A 250 -28.65 6.00 23.82
C ASN A 250 -27.52 6.58 22.96
N GLU A 251 -27.56 7.88 22.77
CA GLU A 251 -26.49 8.58 22.03
C GLU A 251 -25.19 8.39 22.82
N SER A 252 -25.25 8.28 24.15
CA SER A 252 -24.07 8.08 25.03
C SER A 252 -23.54 6.65 24.90
N ASP A 253 -24.25 5.72 24.25
CA ASP A 253 -23.75 4.34 24.03
C ASP A 253 -22.49 4.34 23.14
N LEU A 254 -22.31 5.34 22.26
CA LEU A 254 -21.19 5.41 21.28
C LEU A 254 -19.86 5.06 21.95
N GLU A 255 -19.61 5.52 23.18
CA GLU A 255 -18.29 5.36 23.79
C GLU A 255 -17.99 3.87 23.97
N GLN A 256 -18.95 3.14 24.53
CA GLN A 256 -18.82 1.69 24.79
C GLN A 256 -18.87 0.94 23.45
N ILE A 257 -19.76 1.32 22.54
CA ILE A 257 -19.84 0.63 21.22
C ILE A 257 -18.45 0.62 20.54
N VAL A 258 -17.75 1.76 20.50
CA VAL A 258 -16.45 1.86 19.79
C VAL A 258 -15.37 1.05 20.54
N ASP A 259 -15.37 1.07 21.88
CA ASP A 259 -14.37 0.34 22.70
C ASP A 259 -14.57 -1.18 22.59
N ILE A 260 -15.77 -1.66 22.28
CA ILE A 260 -16.05 -3.11 22.04
C ILE A 260 -15.69 -3.41 20.58
N MET A 261 -16.03 -2.50 19.66
CA MET A 261 -15.80 -2.68 18.22
C MET A 261 -14.29 -2.90 17.95
N LEU A 262 -13.38 -2.07 18.48
CA LEU A 262 -11.97 -2.12 18.05
C LEU A 262 -11.39 -3.53 18.25
N PRO A 263 -11.43 -4.09 19.48
CA PRO A 263 -10.81 -5.37 19.75
C PRO A 263 -11.38 -6.49 18.89
N LEU A 264 -12.65 -6.34 18.45
CA LEU A 264 -13.39 -7.32 17.63
C LEU A 264 -13.05 -7.13 16.13
N ARG A 265 -12.44 -6.02 15.74
CA ARG A 265 -12.17 -5.70 14.31
C ARG A 265 -10.67 -5.75 13.99
N ILE A 266 -9.80 -5.45 14.93
CA ILE A 266 -8.35 -5.23 14.67
C ILE A 266 -7.69 -6.52 14.12
N ASN A 267 -8.22 -7.71 14.44
CA ASN A 267 -7.76 -9.01 13.89
C ASN A 267 -8.66 -9.43 12.71
N MET A 268 -9.58 -8.56 12.28
CA MET A 268 -10.45 -8.78 11.10
C MET A 268 -11.40 -9.95 11.34
N ALA A 269 -11.56 -10.32 12.61
CA ALA A 269 -12.55 -11.29 13.10
C ALA A 269 -12.71 -11.09 14.60
N PRO A 270 -13.91 -11.29 15.17
CA PRO A 270 -15.07 -11.69 14.37
C PRO A 270 -15.69 -10.65 13.45
N LEU A 271 -15.35 -9.35 13.59
CA LEU A 271 -15.93 -8.30 12.70
C LEU A 271 -15.23 -8.40 11.33
N GLN A 272 -15.74 -9.26 10.46
CA GLN A 272 -15.02 -9.72 9.25
C GLN A 272 -15.08 -8.62 8.18
N ASN A 273 -16.17 -7.87 8.08
CA ASN A 273 -16.20 -6.79 7.07
C ASN A 273 -15.93 -5.47 7.80
N VAL A 274 -16.05 -4.37 7.06
CA VAL A 274 -15.90 -3.00 7.58
C VAL A 274 -17.17 -2.70 8.38
N PRO A 275 -17.06 -2.56 9.70
CA PRO A 275 -18.23 -2.29 10.52
C PRO A 275 -18.57 -0.81 10.43
N VAL A 276 -19.86 -0.50 10.32
CA VAL A 276 -20.39 0.89 10.33
C VAL A 276 -21.40 1.04 11.48
N LEU A 277 -21.29 2.16 12.18
CA LEU A 277 -22.24 2.63 13.20
C LEU A 277 -22.91 3.93 12.71
N ARG A 278 -24.13 3.83 12.20
CA ARG A 278 -24.92 4.95 11.64
C ARG A 278 -25.88 5.52 12.71
N ASN A 279 -25.98 6.84 12.78
CA ASN A 279 -26.91 7.55 13.68
C ASN A 279 -28.33 7.40 13.10
N ILE A 280 -29.33 7.67 13.91
CA ILE A 280 -30.72 7.54 13.51
C ILE A 280 -31.08 8.33 12.26
N ILE A 281 -30.50 9.50 12.09
CA ILE A 281 -30.81 10.34 10.94
C ILE A 281 -30.36 9.75 9.62
N LEU A 282 -29.15 9.26 9.55
CA LEU A 282 -28.64 8.69 8.32
C LEU A 282 -29.49 7.50 8.01
N ASP A 283 -29.98 6.87 9.03
CA ASP A 283 -30.82 5.65 8.89
C ASP A 283 -32.26 6.06 8.52
N ALA A 284 -32.85 7.02 9.23
CA ALA A 284 -34.24 7.47 8.98
C ALA A 284 -34.37 8.10 7.58
N ALA A 285 -33.34 8.82 7.14
CA ALA A 285 -33.34 9.63 5.89
C ALA A 285 -33.37 8.75 4.63
N VAL A 286 -33.07 7.46 4.71
CA VAL A 286 -33.19 6.54 3.53
C VAL A 286 -34.65 6.17 3.34
N VAL A 287 -35.46 6.17 4.40
CA VAL A 287 -36.83 5.59 4.40
C VAL A 287 -37.88 6.66 4.68
N SER A 288 -37.47 7.91 4.89
CA SER A 288 -38.37 9.00 5.31
C SER A 288 -37.79 10.37 4.96
N GLN A 289 -38.63 11.41 5.05
CA GLN A 289 -38.25 12.82 4.77
C GLN A 289 -38.26 13.62 6.07
N ARG A 290 -37.50 14.70 6.12
CA ARG A 290 -37.34 15.53 7.33
C ARG A 290 -38.73 16.05 7.78
N ALA A 291 -39.57 16.48 6.83
CA ALA A 291 -40.91 17.08 7.05
C ALA A 291 -41.85 16.07 7.75
N ASP A 292 -41.62 14.77 7.58
CA ASP A 292 -42.38 13.68 8.25
C ASP A 292 -42.23 13.73 9.78
N TRP A 293 -41.15 14.32 10.32
CA TRP A 293 -40.77 14.22 11.76
C TRP A 293 -40.85 15.60 12.41
N TYR A 294 -40.82 16.63 11.59
CA TYR A 294 -40.59 18.02 12.03
C TYR A 294 -40.75 18.96 10.84
N ASP A 295 -41.50 20.05 11.00
CA ASP A 295 -41.70 21.04 9.91
C ASP A 295 -41.39 22.44 10.42
N GLY A 296 -40.89 22.56 11.66
CA GLY A 296 -40.46 23.83 12.28
C GLY A 296 -39.06 24.23 11.83
N ASP A 297 -38.62 25.43 12.24
CA ASP A 297 -37.26 25.95 11.94
C ASP A 297 -36.32 25.44 13.05
N GLY A 298 -35.01 25.65 12.88
CA GLY A 298 -33.98 25.19 13.82
C GLY A 298 -33.69 23.70 13.69
N PRO A 299 -32.70 23.19 14.44
CA PRO A 299 -32.40 21.76 14.44
C PRO A 299 -33.62 20.91 14.84
N LEU A 300 -33.59 19.62 14.48
CA LEU A 300 -34.59 18.62 14.88
C LEU A 300 -34.57 18.53 16.41
N PRO A 301 -35.73 18.67 17.08
CA PRO A 301 -35.77 18.56 18.54
C PRO A 301 -35.65 17.10 18.98
N PRO A 302 -35.19 16.83 20.23
CA PRO A 302 -35.07 15.48 20.76
C PRO A 302 -36.28 14.56 20.54
N GLU A 303 -37.49 15.09 20.65
CA GLU A 303 -38.74 14.29 20.57
C GLU A 303 -38.94 13.85 19.12
N ALA A 304 -38.49 14.66 18.14
CA ALA A 304 -38.46 14.28 16.70
C ALA A 304 -37.54 13.06 16.54
N ILE A 305 -36.34 13.13 17.12
CA ILE A 305 -35.37 12.00 17.16
C ILE A 305 -36.07 10.81 17.81
N GLU A 306 -36.66 11.01 18.98
CA GLU A 306 -37.28 9.91 19.76
C GLU A 306 -38.35 9.24 18.91
N ARG A 307 -39.19 10.01 18.22
CA ARG A 307 -40.27 9.52 17.30
C ARG A 307 -39.69 8.72 16.13
N MET A 308 -38.51 9.07 15.61
CA MET A 308 -37.80 8.27 14.55
C MET A 308 -37.40 6.91 15.14
N LYS A 309 -36.76 6.90 16.31
CA LYS A 309 -36.33 5.66 17.01
C LYS A 309 -37.53 4.72 17.12
N LYS A 310 -38.61 5.18 17.76
CA LYS A 310 -39.84 4.38 18.04
C LYS A 310 -40.51 3.95 16.73
N GLU A 311 -40.90 4.92 15.90
CA GLU A 311 -41.70 4.66 14.67
C GLU A 311 -40.97 3.68 13.74
N LEU A 312 -39.63 3.77 13.60
CA LEU A 312 -38.82 2.94 12.65
C LEU A 312 -38.15 1.75 13.35
N GLY A 313 -38.29 1.63 14.65
CA GLY A 313 -37.66 0.55 15.37
C GLY A 313 -36.16 0.61 15.34
N LEU A 314 -35.61 1.80 15.55
CA LEU A 314 -34.18 1.98 15.46
C LEU A 314 -33.59 2.58 16.69
N GLY A 315 -32.28 2.55 16.80
CA GLY A 315 -31.63 3.20 17.89
C GLY A 315 -31.04 4.50 17.45
N TYR A 316 -30.43 5.25 18.36
CA TYR A 316 -29.74 6.46 17.96
C TYR A 316 -28.56 6.00 17.16
N TRP A 317 -27.92 4.95 17.59
CA TRP A 317 -26.78 4.32 16.86
C TRP A 317 -27.18 2.93 16.38
N ASN A 318 -26.96 2.66 15.10
CA ASN A 318 -27.34 1.42 14.39
C ASN A 318 -26.09 0.81 13.74
N PHE A 319 -25.62 -0.28 14.31
CA PHE A 319 -24.44 -1.05 13.86
C PHE A 319 -24.86 -2.07 12.79
N TYR A 320 -24.06 -2.18 11.73
CA TYR A 320 -24.27 -3.09 10.59
C TYR A 320 -22.94 -3.76 10.28
N GLY A 321 -22.96 -5.09 10.27
CA GLY A 321 -21.80 -5.95 10.00
C GLY A 321 -22.27 -7.15 9.22
N THR A 322 -21.37 -7.78 8.48
CA THR A 322 -21.61 -9.03 7.75
C THR A 322 -20.58 -10.03 8.25
N LEU A 323 -20.99 -11.28 8.29
CA LEU A 323 -20.17 -12.46 8.58
C LEU A 323 -20.16 -13.31 7.31
N TYR A 324 -19.06 -14.00 7.08
CA TYR A 324 -18.77 -14.79 5.87
C TYR A 324 -18.25 -16.17 6.28
N GLY A 325 -18.57 -17.17 5.46
CA GLY A 325 -17.98 -18.51 5.53
C GLY A 325 -19.07 -19.56 5.77
N PRO A 326 -18.67 -20.78 6.21
CA PRO A 326 -19.63 -21.86 6.41
C PRO A 326 -20.54 -21.46 7.57
N PRO A 327 -21.86 -21.77 7.49
CA PRO A 327 -22.81 -21.39 8.53
C PRO A 327 -22.40 -21.70 9.98
N GLN A 328 -21.48 -22.63 10.22
CA GLN A 328 -21.02 -23.02 11.58
C GLN A 328 -20.12 -21.89 12.14
N LEU A 329 -19.27 -21.34 11.26
CA LEU A 329 -18.37 -20.21 11.58
C LEU A 329 -19.22 -18.95 11.80
N ILE A 330 -20.14 -18.63 10.89
CA ILE A 330 -21.10 -17.48 10.99
C ILE A 330 -21.80 -17.49 12.36
N GLU A 331 -22.51 -18.58 12.71
CA GLU A 331 -23.22 -18.75 14.00
C GLU A 331 -22.27 -18.45 15.16
N MET A 332 -21.04 -18.99 15.11
CA MET A 332 -20.04 -18.89 16.20
C MET A 332 -19.59 -17.43 16.32
N ASN A 333 -19.15 -16.83 15.22
CA ASN A 333 -18.73 -15.42 15.20
C ASN A 333 -19.87 -14.53 15.67
N TYR A 334 -21.08 -14.73 15.15
CA TYR A 334 -22.29 -13.98 15.55
C TYR A 334 -22.53 -14.15 17.05
N GLY A 335 -22.20 -15.33 17.60
CA GLY A 335 -22.27 -15.60 19.04
C GLY A 335 -21.34 -14.69 19.83
N ILE A 336 -20.07 -14.59 19.41
CA ILE A 336 -19.07 -13.66 20.02
C ILE A 336 -19.58 -12.23 19.90
N ILE A 337 -20.19 -11.86 18.78
CA ILE A 337 -20.64 -10.45 18.53
C ILE A 337 -21.76 -10.12 19.53
N LYS A 338 -22.78 -10.98 19.59
CA LYS A 338 -23.97 -10.87 20.46
C LYS A 338 -23.54 -10.80 21.94
N ASP A 339 -22.63 -11.66 22.36
CA ASP A 339 -22.13 -11.65 23.76
C ASP A 339 -21.43 -10.31 24.06
N ALA A 340 -20.65 -9.78 23.13
CA ALA A 340 -19.80 -8.59 23.36
C ALA A 340 -20.67 -7.32 23.42
N PHE A 341 -21.44 -7.06 22.38
CA PHE A 341 -22.26 -5.82 22.26
C PHE A 341 -23.49 -5.90 23.18
N GLY A 342 -23.95 -7.12 23.52
CA GLY A 342 -25.01 -7.41 24.52
C GLY A 342 -24.67 -6.91 25.92
N GLN A 343 -23.40 -6.69 26.22
CA GLN A 343 -22.96 -6.03 27.49
C GLN A 343 -23.60 -4.63 27.61
N ILE A 344 -24.07 -4.05 26.51
CA ILE A 344 -24.60 -2.65 26.47
C ILE A 344 -26.10 -2.74 26.68
N PRO A 345 -26.63 -2.25 27.83
CA PRO A 345 -28.07 -2.22 28.08
C PRO A 345 -28.82 -1.52 26.94
N GLY A 346 -29.89 -2.17 26.46
CA GLY A 346 -30.79 -1.63 25.44
C GLY A 346 -30.43 -2.12 24.05
N SER A 347 -29.29 -2.81 23.89
CA SER A 347 -28.83 -3.37 22.58
C SER A 347 -29.83 -4.42 22.10
N ARG A 348 -30.23 -4.36 20.82
CA ARG A 348 -31.12 -5.34 20.14
C ARG A 348 -30.48 -5.83 18.82
N PHE A 349 -30.51 -7.14 18.57
CA PHE A 349 -29.87 -7.83 17.43
C PHE A 349 -30.93 -8.34 16.48
N GLN A 350 -30.73 -8.09 15.18
CA GLN A 350 -31.61 -8.56 14.08
C GLN A 350 -30.71 -8.93 12.90
N THR A 351 -30.99 -10.10 12.33
CA THR A 351 -30.34 -10.69 11.15
C THR A 351 -31.07 -10.18 9.90
N HIS A 352 -30.44 -10.22 8.73
CA HIS A 352 -31.05 -9.86 7.42
C HIS A 352 -32.27 -10.74 7.10
N GLU A 353 -32.37 -11.94 7.69
CA GLU A 353 -33.54 -12.84 7.45
C GLU A 353 -34.57 -12.71 8.57
N GLU A 354 -34.30 -11.91 9.60
CA GLU A 354 -35.24 -11.69 10.75
C GLU A 354 -35.97 -10.34 10.64
N ARG A 355 -35.49 -9.39 9.83
CA ARG A 355 -36.08 -8.02 9.80
C ARG A 355 -36.37 -7.61 8.35
N HIS A 356 -37.62 -7.22 8.08
CA HIS A 356 -38.21 -6.91 6.74
C HIS A 356 -39.34 -5.90 6.90
N ASP A 357 -39.02 -4.72 7.42
CA ASP A 357 -39.97 -3.62 7.66
C ASP A 357 -39.26 -2.33 7.25
N ARG A 358 -39.97 -1.20 7.28
CA ARG A 358 -39.39 0.14 6.93
C ARG A 358 -37.98 0.24 7.55
N GLY A 359 -37.85 -0.07 8.85
CA GLY A 359 -36.64 0.10 9.64
C GLY A 359 -35.48 -0.76 9.16
N ALA A 360 -35.76 -1.81 8.37
CA ALA A 360 -34.78 -2.80 7.87
C ALA A 360 -34.31 -2.48 6.45
N HIS A 361 -34.77 -1.38 5.84
CA HIS A 361 -34.34 -0.98 4.47
C HIS A 361 -32.81 -0.90 4.42
N VAL A 362 -32.18 -0.19 5.37
CA VAL A 362 -30.70 0.00 5.41
C VAL A 362 -30.04 -1.37 5.63
N LEU A 363 -30.55 -2.18 6.57
CA LEU A 363 -30.03 -3.55 6.86
C LEU A 363 -29.97 -4.36 5.56
N GLN A 364 -31.05 -4.35 4.78
CA GLN A 364 -31.17 -5.12 3.51
C GLN A 364 -30.22 -4.50 2.48
N ASP A 365 -30.06 -3.17 2.46
CA ASP A 365 -29.16 -2.48 1.50
C ASP A 365 -27.71 -2.78 1.89
N ARG A 366 -27.39 -2.76 3.18
CA ARG A 366 -26.05 -3.11 3.71
C ARG A 366 -25.74 -4.55 3.31
N HIS A 367 -26.73 -5.43 3.35
CA HIS A 367 -26.55 -6.86 3.01
C HIS A 367 -26.08 -6.98 1.55
N LYS A 368 -26.64 -6.17 0.66
CA LYS A 368 -26.20 -6.15 -0.77
C LYS A 368 -24.76 -5.63 -0.83
N ILE A 369 -24.51 -4.45 -0.28
CA ILE A 369 -23.21 -3.73 -0.42
C ILE A 369 -22.08 -4.57 0.16
N ASN A 370 -22.32 -5.21 1.31
CA ASN A 370 -21.33 -6.00 2.07
C ASN A 370 -21.04 -7.32 1.36
N ASN A 371 -21.83 -7.65 0.34
CA ASN A 371 -21.68 -8.88 -0.47
C ASN A 371 -21.40 -8.47 -1.90
N GLY A 372 -20.95 -7.22 -2.10
CA GLY A 372 -20.43 -6.71 -3.39
C GLY A 372 -21.51 -6.66 -4.45
N ILE A 373 -22.76 -6.45 -4.03
CA ILE A 373 -23.90 -6.23 -4.95
C ILE A 373 -24.19 -4.74 -4.90
N PRO A 374 -23.89 -4.03 -6.01
CA PRO A 374 -24.02 -2.58 -6.08
C PRO A 374 -25.50 -2.17 -6.06
N SER A 375 -25.75 -0.99 -5.49
CA SER A 375 -27.10 -0.47 -5.11
C SER A 375 -27.12 1.04 -5.33
N LEU A 376 -28.29 1.60 -5.64
CA LEU A 376 -28.50 3.07 -5.63
C LEU A 376 -29.48 3.46 -4.51
N SER A 377 -29.77 2.56 -3.58
CA SER A 377 -30.79 2.78 -2.51
C SER A 377 -30.41 4.00 -1.68
N GLU A 378 -29.13 4.21 -1.36
CA GLU A 378 -28.72 5.30 -0.44
C GLU A 378 -29.02 6.68 -1.05
N MET A 379 -29.27 6.77 -2.36
CA MET A 379 -29.61 8.06 -3.04
C MET A 379 -30.98 8.57 -2.56
N LYS A 380 -31.81 7.72 -1.95
CA LYS A 380 -33.11 8.12 -1.34
C LYS A 380 -32.84 9.07 -0.16
N LEU A 381 -31.63 8.99 0.41
CA LEU A 381 -31.13 9.93 1.43
C LEU A 381 -31.24 11.37 0.91
N MET A 382 -31.11 11.59 -0.40
CA MET A 382 -31.15 12.94 -1.02
C MET A 382 -32.59 13.39 -1.30
N ASP A 383 -33.59 12.61 -0.86
CA ASP A 383 -35.00 13.05 -0.75
C ASP A 383 -35.33 13.59 0.66
N TRP A 384 -34.34 13.69 1.56
CA TRP A 384 -34.53 14.19 2.96
C TRP A 384 -35.17 15.58 2.97
N ILE A 385 -34.63 16.47 2.16
CA ILE A 385 -35.13 17.80 2.07
C ILE A 385 -35.18 18.11 0.60
N PRO A 386 -36.01 19.07 0.21
CA PRO A 386 -36.01 19.49 -1.19
C PRO A 386 -34.70 20.13 -1.64
N GLY A 387 -34.25 19.75 -2.84
CA GLY A 387 -33.04 20.24 -3.46
C GLY A 387 -31.82 19.84 -2.70
N ALA A 388 -31.88 18.70 -2.04
CA ALA A 388 -30.80 18.29 -1.21
C ALA A 388 -29.50 18.01 -1.88
N GLY A 389 -28.45 18.45 -1.23
CA GLY A 389 -27.15 18.19 -1.72
C GLY A 389 -26.34 17.84 -0.52
N HIS A 390 -25.19 17.22 -0.74
CA HIS A 390 -24.34 16.92 0.35
C HIS A 390 -22.89 17.24 0.15
N VAL A 391 -22.19 17.52 1.23
CA VAL A 391 -20.76 17.67 1.19
C VAL A 391 -20.20 16.68 2.22
N GLY A 392 -19.07 16.08 1.92
CA GLY A 392 -18.46 15.14 2.82
C GLY A 392 -17.51 15.68 3.85
N PHE A 393 -17.60 15.18 5.06
CA PHE A 393 -16.68 15.51 6.13
C PHE A 393 -16.34 14.16 6.72
N SER A 394 -15.08 13.78 6.70
CA SER A 394 -14.67 12.45 7.11
C SER A 394 -13.30 12.34 7.78
N PRO A 395 -13.09 13.06 8.88
CA PRO A 395 -11.78 12.97 9.46
C PRO A 395 -11.37 11.65 10.08
N ILE A 396 -10.09 11.45 10.27
CA ILE A 396 -9.56 10.23 10.86
C ILE A 396 -9.22 10.36 12.33
N SER A 397 -9.58 9.37 13.11
CA SER A 397 -9.36 9.38 14.52
C SER A 397 -8.89 8.05 15.05
N PRO A 398 -8.38 8.04 16.28
CA PRO A 398 -8.09 6.74 16.86
C PRO A 398 -9.42 6.08 17.20
N PRO A 399 -9.54 4.76 17.04
CA PRO A 399 -10.77 4.01 17.36
C PRO A 399 -10.98 3.82 18.86
N VAL A 400 -11.23 4.90 19.58
CA VAL A 400 -11.39 4.89 21.00
C VAL A 400 -12.67 5.68 21.34
N GLY A 401 -13.50 5.15 22.22
CA GLY A 401 -14.75 5.81 22.58
C GLY A 401 -14.70 7.25 22.99
N ARG A 402 -13.73 7.62 23.78
CA ARG A 402 -13.56 8.99 24.17
C ARG A 402 -13.38 9.88 22.95
N ASP A 403 -12.57 9.44 21.99
CA ASP A 403 -12.40 10.19 20.75
C ASP A 403 -13.68 10.28 19.97
N ALA A 404 -14.42 9.20 19.93
CA ALA A 404 -15.70 9.19 19.25
C ALA A 404 -16.65 10.17 19.87
N MET A 405 -16.76 10.13 21.19
CA MET A 405 -17.67 11.01 21.88
C MET A 405 -17.31 12.45 21.65
N LYS A 406 -16.02 12.76 21.72
CA LYS A 406 -15.56 14.11 21.46
C LYS A 406 -16.02 14.59 20.09
N GLN A 407 -15.73 13.82 19.07
CA GLN A 407 -16.14 14.18 17.71
C GLN A 407 -17.64 14.30 17.54
N PHE A 408 -18.40 13.32 17.99
CA PHE A 408 -19.85 13.35 17.94
C PHE A 408 -20.36 14.67 18.48
N ARG A 409 -19.93 15.01 19.67
CA ARG A 409 -20.33 16.25 20.30
C ARG A 409 -19.88 17.51 19.56
N MET A 410 -18.62 17.60 19.16
CA MET A 410 -18.12 18.74 18.44
C MET A 410 -18.85 18.99 17.14
N VAL A 411 -19.02 17.95 16.36
CA VAL A 411 -19.66 18.11 15.07
C VAL A 411 -21.14 18.43 15.18
N ARG A 412 -21.88 17.69 15.99
CA ARG A 412 -23.30 17.95 16.16
C ARG A 412 -23.58 19.35 16.67
N SER A 413 -22.82 19.78 17.65
CA SER A 413 -22.99 21.10 18.19
C SER A 413 -22.82 22.15 17.10
N ARG A 414 -21.77 22.02 16.29
CA ARG A 414 -21.56 22.95 15.23
C ARG A 414 -22.64 22.85 14.15
N ALA A 415 -23.04 21.66 13.80
CA ALA A 415 -24.08 21.49 12.83
C ALA A 415 -25.39 22.13 13.29
N ASP A 416 -25.73 21.98 14.56
CA ASP A 416 -26.93 22.60 15.11
C ASP A 416 -26.85 24.09 14.96
N GLU A 417 -25.72 24.65 15.29
CA GLU A 417 -25.49 26.08 15.12
C GLU A 417 -25.65 26.55 13.67
N TYR A 418 -25.28 25.71 12.72
CA TYR A 418 -25.34 26.08 11.31
C TYR A 418 -26.54 25.52 10.63
N ALA A 419 -27.55 25.16 11.41
CA ALA A 419 -28.78 24.58 10.90
C ALA A 419 -28.64 23.42 9.95
N LYS A 420 -27.73 22.51 10.25
CA LYS A 420 -27.54 21.35 9.43
C LYS A 420 -27.71 20.13 10.29
N ASP A 421 -28.43 19.16 9.80
CA ASP A 421 -28.66 17.94 10.53
C ASP A 421 -27.41 17.13 10.74
N TYR A 422 -27.33 16.51 11.90
CA TYR A 422 -26.23 15.63 12.17
C TYR A 422 -26.60 14.27 11.67
N ALA A 423 -26.07 13.92 10.51
CA ALA A 423 -26.29 12.62 9.94
C ALA A 423 -24.89 12.10 9.75
N ALA A 424 -24.50 11.14 10.54
CA ALA A 424 -23.17 10.65 10.51
C ALA A 424 -23.01 9.19 10.82
N GLN A 425 -21.81 8.71 10.57
CA GLN A 425 -21.48 7.35 10.88
C GLN A 425 -20.04 7.23 11.33
N PHE A 426 -19.78 6.29 12.20
CA PHE A 426 -18.43 6.02 12.62
C PHE A 426 -18.09 4.68 12.02
N VAL A 427 -16.98 4.61 11.35
CA VAL A 427 -16.56 3.41 10.68
C VAL A 427 -15.18 3.06 11.19
N VAL A 428 -14.91 1.81 11.54
CA VAL A 428 -13.52 1.42 11.86
C VAL A 428 -12.90 0.51 10.77
N GLY A 429 -11.78 0.94 10.21
CA GLY A 429 -11.11 0.15 9.18
C GLY A 429 -10.40 -1.03 9.78
N LEU A 430 -9.31 -0.80 10.49
CA LEU A 430 -8.62 -1.86 11.20
C LEU A 430 -8.16 -1.25 12.51
N ARG A 431 -7.29 -0.26 12.46
CA ARG A 431 -6.84 0.44 13.67
C ARG A 431 -7.13 1.93 13.59
N GLU A 432 -7.99 2.35 12.69
CA GLU A 432 -8.31 3.76 12.51
C GLU A 432 -9.80 3.96 12.42
N MET A 433 -10.25 5.14 12.81
CA MET A 433 -11.64 5.43 12.78
C MET A 433 -11.95 6.59 11.87
N HIS A 434 -13.06 6.50 11.18
CA HIS A 434 -13.51 7.56 10.33
C HIS A 434 -14.82 8.11 10.87
N HIS A 435 -14.96 9.41 10.97
CA HIS A 435 -16.23 9.99 11.34
C HIS A 435 -16.80 10.61 10.08
N ILE A 436 -17.69 9.91 9.41
CA ILE A 436 -18.25 10.38 8.16
C ILE A 436 -19.60 11.06 8.30
N ALA A 437 -19.61 12.36 8.21
CA ALA A 437 -20.83 13.12 8.28
C ALA A 437 -21.29 13.59 6.94
N LEU A 438 -22.56 13.39 6.66
CA LEU A 438 -23.13 13.83 5.42
C LEU A 438 -23.83 15.11 5.75
N LEU A 439 -23.28 16.21 5.28
CA LEU A 439 -23.83 17.51 5.56
C LEU A 439 -24.85 17.87 4.49
N LEU A 440 -26.12 17.78 4.82
CA LEU A 440 -27.18 18.00 3.84
C LEU A 440 -27.69 19.41 3.76
N PHE A 441 -27.97 19.88 2.56
CA PHE A 441 -28.38 21.25 2.38
C PHE A 441 -29.16 21.52 1.11
N ASP A 442 -29.94 22.57 1.10
CA ASP A 442 -30.72 22.99 -0.09
C ASP A 442 -29.72 23.61 -1.09
N THR A 443 -29.41 22.91 -2.18
CA THR A 443 -28.39 23.36 -3.17
C THR A 443 -28.88 24.62 -3.89
N GLN A 444 -30.20 24.82 -3.89
CA GLN A 444 -30.92 25.90 -4.61
C GLN A 444 -31.03 27.15 -3.71
N ASP A 445 -30.47 27.11 -2.49
CA ASP A 445 -30.57 28.22 -1.52
C ASP A 445 -29.15 28.71 -1.21
N ALA A 446 -28.77 29.86 -1.77
CA ALA A 446 -27.44 30.47 -1.65
C ALA A 446 -27.01 30.52 -0.18
N THR A 447 -27.91 30.86 0.73
CA THR A 447 -27.59 30.99 2.18
C THR A 447 -27.18 29.63 2.74
N ALA A 448 -27.94 28.58 2.42
CA ALA A 448 -27.69 27.17 2.85
C ALA A 448 -26.33 26.71 2.32
N ARG A 449 -26.01 27.03 1.06
CA ARG A 449 -24.71 26.70 0.43
C ARG A 449 -23.60 27.33 1.27
N ASN A 450 -23.77 28.60 1.63
CA ASN A 450 -22.75 29.42 2.33
C ASN A 450 -22.53 28.88 3.76
N GLU A 451 -23.63 28.53 4.44
CA GLU A 451 -23.63 27.92 5.80
C GLU A 451 -22.87 26.60 5.75
N THR A 452 -23.12 25.78 4.72
CA THR A 452 -22.51 24.43 4.60
C THR A 452 -21.01 24.61 4.44
N LEU A 453 -20.61 25.58 3.63
CA LEU A 453 -19.17 25.84 3.41
C LEU A 453 -18.55 26.35 4.71
N ALA A 454 -19.22 27.29 5.39
CA ALA A 454 -18.75 27.90 6.64
C ALA A 454 -18.63 26.77 7.66
N LEU A 455 -19.68 25.96 7.82
CA LEU A 455 -19.70 24.83 8.77
C LEU A 455 -18.51 23.90 8.49
N THR A 456 -18.31 23.50 7.22
CA THR A 456 -17.30 22.49 6.87
C THR A 456 -15.91 23.04 7.20
N ARG A 457 -15.64 24.29 6.89
CA ARG A 457 -14.33 24.93 7.17
C ARG A 457 -14.08 24.91 8.68
N LEU A 458 -15.13 25.14 9.47
CA LEU A 458 -15.01 25.19 10.94
C LEU A 458 -14.75 23.75 11.44
N LEU A 459 -15.49 22.78 10.92
CA LEU A 459 -15.40 21.35 11.30
C LEU A 459 -13.99 20.84 11.06
N ILE A 460 -13.39 21.24 9.94
CA ILE A 460 -12.01 20.86 9.53
C ILE A 460 -10.99 21.52 10.46
N ASP A 461 -11.08 22.81 10.73
CA ASP A 461 -10.11 23.48 11.64
C ASP A 461 -10.18 22.87 13.04
N GLU A 462 -11.37 22.65 13.58
CA GLU A 462 -11.57 22.18 14.98
C GLU A 462 -11.15 20.71 15.10
N ALA A 463 -11.55 19.87 14.14
CA ALA A 463 -11.06 18.48 14.05
C ALA A 463 -9.54 18.48 14.02
N ALA A 464 -8.94 19.32 13.19
CA ALA A 464 -7.48 19.37 13.00
C ALA A 464 -6.80 19.81 14.30
N ALA A 465 -7.34 20.84 14.99
CA ALA A 465 -6.79 21.28 16.29
C ALA A 465 -6.81 20.10 17.27
N GLU A 466 -7.73 19.15 17.14
CA GLU A 466 -7.82 17.98 18.05
C GLU A 466 -6.92 16.82 17.58
N GLY A 467 -6.23 16.94 16.45
CA GLY A 467 -5.36 15.87 15.91
C GLY A 467 -6.09 14.96 14.93
N TYR A 468 -7.22 15.40 14.37
CA TYR A 468 -8.05 14.57 13.46
C TYR A 468 -8.01 15.19 12.07
N GLY A 469 -7.28 14.58 11.15
CA GLY A 469 -7.01 15.09 9.79
C GLY A 469 -8.06 14.65 8.80
N GLU A 470 -8.46 15.53 7.88
CA GLU A 470 -9.44 15.15 6.83
C GLU A 470 -8.73 14.24 5.79
N TYR A 471 -9.46 13.23 5.33
CA TYR A 471 -8.96 12.14 4.47
C TYR A 471 -9.26 12.43 3.00
N ARG A 472 -10.38 13.09 2.74
CA ARG A 472 -10.84 13.34 1.35
C ARG A 472 -11.78 14.54 1.42
N THR A 473 -11.73 15.45 0.44
CA THR A 473 -12.55 16.67 0.53
C THR A 473 -12.96 17.23 -0.84
N HIS A 474 -13.89 18.18 -0.78
CA HIS A 474 -14.43 18.95 -1.93
C HIS A 474 -13.36 19.91 -2.50
N ASN A 475 -13.42 20.12 -3.81
CA ASN A 475 -12.69 21.22 -4.51
C ASN A 475 -12.57 22.45 -3.59
N ALA A 476 -13.70 22.92 -3.04
CA ALA A 476 -13.79 24.21 -2.33
C ALA A 476 -12.92 24.15 -1.07
N LEU A 477 -12.57 22.96 -0.62
CA LEU A 477 -11.92 22.76 0.71
C LEU A 477 -10.50 22.23 0.60
N MET A 478 -10.02 21.94 -0.61
CA MET A 478 -8.72 21.24 -0.81
C MET A 478 -7.54 22.07 -0.29
N ASP A 479 -7.50 23.38 -0.56
CA ASP A 479 -6.38 24.26 -0.11
C ASP A 479 -6.33 24.26 1.41
N GLN A 480 -7.48 24.36 2.06
CA GLN A 480 -7.58 24.41 3.54
C GLN A 480 -7.14 23.07 4.12
N VAL A 481 -7.63 21.95 3.59
CA VAL A 481 -7.24 20.60 4.10
C VAL A 481 -5.73 20.40 3.91
N MET A 482 -5.18 20.67 2.72
CA MET A 482 -3.72 20.52 2.53
C MET A 482 -2.98 21.47 3.49
N GLY A 483 -3.54 22.67 3.71
CA GLY A 483 -3.09 23.69 4.68
C GLY A 483 -2.98 23.15 6.10
N THR A 484 -3.81 22.18 6.51
CA THR A 484 -3.74 21.56 7.87
C THR A 484 -2.54 20.62 7.96
N TYR A 485 -2.07 20.05 6.84
CA TYR A 485 -0.97 19.04 6.82
C TYR A 485 0.35 19.79 6.65
N ASN A 486 0.58 20.81 7.48
CA ASN A 486 1.70 21.78 7.32
C ASN A 486 2.81 21.55 8.36
N TRP A 487 3.05 20.30 8.80
CA TRP A 487 4.27 19.95 9.57
C TRP A 487 5.51 20.43 8.77
N GLY A 488 6.60 20.84 9.45
CA GLY A 488 7.84 21.26 8.77
C GLY A 488 7.65 22.50 7.91
N ASP A 489 6.86 23.45 8.41
CA ASP A 489 6.53 24.72 7.72
C ASP A 489 6.07 24.37 6.28
N GLY A 490 5.07 23.49 6.16
CA GLY A 490 4.43 23.10 4.90
C GLY A 490 5.30 22.17 4.08
N ALA A 491 6.09 21.31 4.72
CA ALA A 491 7.05 20.39 4.07
C ALA A 491 6.35 19.45 3.08
N LEU A 492 5.21 18.84 3.42
CA LEU A 492 4.50 17.88 2.54
C LEU A 492 4.13 18.59 1.23
N LEU A 493 3.53 19.78 1.30
CA LEU A 493 3.06 20.52 0.10
C LEU A 493 4.29 20.93 -0.74
N LYS A 494 5.43 21.24 -0.11
CA LYS A 494 6.63 21.70 -0.84
C LYS A 494 7.19 20.50 -1.61
N PHE A 495 7.19 19.32 -1.01
CA PHE A 495 7.54 18.03 -1.66
C PHE A 495 6.63 17.83 -2.88
N HIS A 496 5.32 17.99 -2.70
CA HIS A 496 4.33 17.75 -3.79
C HIS A 496 4.55 18.74 -4.92
N GLU A 497 4.82 20.01 -4.58
CA GLU A 497 5.03 21.10 -5.56
C GLU A 497 6.31 20.82 -6.35
N ALA A 498 7.36 20.37 -5.67
CA ALA A 498 8.66 20.10 -6.31
C ALA A 498 8.43 19.03 -7.38
N ILE A 499 7.76 17.95 -7.01
CA ILE A 499 7.43 16.83 -7.95
C ILE A 499 6.50 17.36 -9.06
N LYS A 500 5.46 18.09 -8.70
CA LYS A 500 4.47 18.59 -9.71
C LYS A 500 5.18 19.43 -10.80
N ASP A 501 6.05 20.32 -10.36
CA ASP A 501 6.73 21.30 -11.26
C ASP A 501 7.74 20.55 -12.15
N ALA A 502 8.35 19.48 -11.64
CA ALA A 502 9.30 18.64 -12.42
C ALA A 502 8.53 17.84 -13.48
N LEU A 503 7.46 17.13 -13.11
CA LEU A 503 6.72 16.24 -14.05
C LEU A 503 5.86 17.11 -14.96
N ASP A 504 5.43 18.28 -14.46
CA ASP A 504 4.44 19.15 -15.14
C ASP A 504 4.96 20.57 -15.26
N PRO A 505 6.02 20.83 -16.06
CA PRO A 505 6.60 22.18 -16.14
C PRO A 505 5.67 23.24 -16.74
N ASN A 506 4.67 22.85 -17.54
CA ASN A 506 3.68 23.79 -18.15
C ASN A 506 2.40 23.89 -17.31
N GLY A 507 2.32 23.27 -16.14
CA GLY A 507 1.18 23.39 -15.21
C GLY A 507 -0.14 22.96 -15.82
N ILE A 508 -0.24 21.76 -16.38
CA ILE A 508 -1.42 21.31 -17.19
C ILE A 508 -2.41 20.49 -16.34
N ILE A 509 -1.96 19.44 -15.64
CA ILE A 509 -2.91 18.42 -15.11
C ILE A 509 -3.54 18.91 -13.80
N ALA A 510 -4.88 18.93 -13.78
CA ALA A 510 -5.81 19.24 -12.65
C ALA A 510 -5.14 20.12 -11.59
N PRO A 511 -4.78 21.36 -11.96
CA PRO A 511 -4.18 22.33 -11.04
C PRO A 511 -5.08 22.54 -9.79
N GLY A 512 -4.44 22.55 -8.62
CA GLY A 512 -5.15 22.70 -7.34
C GLY A 512 -5.65 21.41 -6.75
N LYS A 513 -5.64 20.27 -7.46
CA LYS A 513 -6.07 18.98 -6.85
C LYS A 513 -5.28 18.77 -5.55
N SER A 514 -5.95 18.45 -4.45
CA SER A 514 -5.28 18.18 -3.14
C SER A 514 -4.50 19.40 -2.68
N GLY A 515 -4.82 20.59 -3.20
CA GLY A 515 -4.14 21.85 -2.90
C GLY A 515 -2.77 21.93 -3.53
N VAL A 516 -2.49 21.09 -4.54
CA VAL A 516 -1.16 21.10 -5.20
C VAL A 516 -1.28 21.90 -6.50
N TRP A 517 -0.70 23.09 -6.50
CA TRP A 517 -0.78 24.02 -7.65
C TRP A 517 0.57 24.01 -8.32
N PRO A 518 0.61 23.98 -9.67
CA PRO A 518 1.84 24.21 -10.40
C PRO A 518 2.18 25.71 -10.35
N ALA A 519 3.45 26.04 -10.57
CA ALA A 519 4.07 27.37 -10.35
C ALA A 519 3.21 28.46 -11.00
N ARG A 520 2.72 28.26 -12.22
CA ARG A 520 2.04 29.33 -12.99
C ARG A 520 0.69 29.68 -12.37
N TYR A 521 0.12 28.82 -11.53
CA TYR A 521 -1.21 29.07 -10.93
C TYR A 521 -1.14 29.30 -9.40
N ARG A 522 0.00 29.05 -8.75
CA ARG A 522 0.01 29.06 -7.28
C ARG A 522 0.17 30.51 -6.79
N GLY A 523 -0.49 30.85 -5.69
CA GLY A 523 -0.45 32.20 -5.09
C GLY A 523 -1.11 33.23 -5.99
N LYS A 524 -2.04 32.80 -6.85
CA LYS A 524 -2.86 33.68 -7.73
C LYS A 524 -4.32 33.68 -7.23
N GLY A 525 -4.61 33.04 -6.08
CA GLY A 525 -5.97 32.90 -5.52
C GLY A 525 -6.95 32.27 -6.50
N LEU A 526 -6.44 31.38 -7.38
CA LEU A 526 -7.12 30.68 -8.52
C LEU A 526 -6.80 31.38 -9.85
N THR B 4 40.46 6.07 -0.94
CA THR B 4 39.11 6.10 -1.52
C THR B 4 38.49 7.48 -1.46
N LEU B 5 38.15 8.02 -2.61
CA LEU B 5 37.54 9.32 -2.69
C LEU B 5 36.23 9.11 -3.37
N PRO B 6 35.27 9.94 -3.04
CA PRO B 6 34.01 9.84 -3.77
C PRO B 6 34.14 10.35 -5.19
N PRO B 7 33.56 9.64 -6.14
CA PRO B 7 33.61 10.07 -7.52
C PRO B 7 33.03 11.44 -7.70
N GLY B 8 33.73 12.26 -8.45
CA GLY B 8 33.30 13.61 -8.65
C GLY B 8 34.01 14.55 -7.72
N VAL B 9 34.32 14.10 -6.52
CA VAL B 9 34.89 15.01 -5.55
C VAL B 9 36.41 15.13 -5.50
N SER B 10 36.89 16.35 -5.35
CA SER B 10 38.31 16.59 -5.21
C SER B 10 38.68 16.23 -3.78
N ASP B 11 39.96 16.03 -3.49
CA ASP B 11 40.33 15.76 -2.10
C ASP B 11 40.09 16.97 -1.22
N GLU B 12 40.25 18.15 -1.78
CA GLU B 12 40.00 19.34 -1.02
C GLU B 12 38.59 19.31 -0.51
N ASP B 13 37.65 19.11 -1.41
CA ASP B 13 36.27 19.15 -1.00
C ASP B 13 35.92 18.05 -0.05
N PHE B 14 36.51 16.89 -0.24
CA PHE B 14 36.26 15.79 0.66
C PHE B 14 36.70 16.15 2.07
N THR B 15 37.88 16.72 2.24
CA THR B 15 38.36 16.99 3.59
C THR B 15 37.60 18.12 4.23
N SER B 16 37.17 19.07 3.42
CA SER B 16 36.37 20.15 3.94
C SER B 16 35.04 19.65 4.43
N ALA B 17 34.50 18.64 3.76
CA ALA B 17 33.25 18.06 4.16
C ALA B 17 33.45 17.19 5.36
N LEU B 18 34.49 16.38 5.38
CA LEU B 18 34.80 15.48 6.53
C LEU B 18 34.92 16.33 7.80
N THR B 19 35.57 17.49 7.68
CA THR B 19 35.72 18.47 8.80
C THR B 19 34.32 18.90 9.22
N ALA B 20 33.53 19.42 8.28
CA ALA B 20 32.15 19.94 8.54
C ALA B 20 31.28 18.81 9.10
N PHE B 21 31.43 17.57 8.59
CA PHE B 21 30.79 16.35 9.17
C PHE B 21 31.22 16.23 10.63
N ARG B 22 32.52 16.36 10.92
CA ARG B 22 33.05 16.22 12.31
C ARG B 22 32.37 17.24 13.22
N ASP B 23 32.24 18.50 12.78
CA ASP B 23 31.61 19.58 13.61
C ASP B 23 30.18 19.18 13.96
N VAL B 24 29.47 18.51 13.04
CA VAL B 24 28.03 18.16 13.23
C VAL B 24 27.93 16.94 14.14
N VAL B 25 28.53 15.81 13.76
CA VAL B 25 28.29 14.50 14.45
C VAL B 25 29.35 14.23 15.53
N GLY B 26 30.49 14.93 15.50
CA GLY B 26 31.63 14.67 16.40
C GLY B 26 32.65 13.72 15.80
N ASP B 27 33.90 13.81 16.28
CA ASP B 27 35.11 13.17 15.70
C ASP B 27 34.93 11.65 15.70
N GLU B 28 34.35 11.09 16.75
CA GLU B 28 34.21 9.62 16.91
C GLU B 28 33.25 9.03 15.87
N PHE B 29 32.34 9.82 15.31
CA PHE B 29 31.23 9.31 14.47
C PHE B 29 31.46 9.71 13.01
N VAL B 30 32.71 10.08 12.66
CA VAL B 30 33.23 10.18 11.26
C VAL B 30 34.43 9.23 11.16
N ARG B 31 34.25 8.09 10.49
CA ARG B 31 35.25 6.99 10.41
C ARG B 31 35.82 6.95 8.99
N THR B 32 37.14 7.14 8.88
CA THR B 32 37.91 7.14 7.62
C THR B 32 39.06 6.12 7.66
N ASP B 33 39.27 5.42 8.79
CA ASP B 33 40.33 4.38 8.89
C ASP B 33 39.92 3.16 8.08
N GLU B 34 40.86 2.62 7.29
CA GLU B 34 40.67 1.42 6.43
C GLU B 34 40.33 0.21 7.31
N ALA B 35 40.62 0.24 8.62
CA ALA B 35 40.18 -0.81 9.58
C ALA B 35 38.68 -0.68 9.83
N GLU B 36 38.22 0.54 10.10
CA GLU B 36 36.80 0.86 10.42
C GLU B 36 35.96 0.68 9.15
N LEU B 37 36.51 1.04 7.99
CA LEU B 37 35.83 0.94 6.67
C LEU B 37 35.64 -0.54 6.31
N ALA B 38 36.58 -1.40 6.72
CA ALA B 38 36.61 -2.84 6.36
C ALA B 38 35.32 -3.53 6.82
N ARG B 39 34.75 -3.11 7.96
CA ARG B 39 33.51 -3.69 8.55
C ARG B 39 32.26 -3.34 7.71
N PHE B 40 32.36 -2.40 6.75
CA PHE B 40 31.25 -1.97 5.86
C PHE B 40 31.40 -2.56 4.45
N HIS B 41 32.40 -3.42 4.26
CA HIS B 41 32.59 -4.27 3.05
C HIS B 41 31.35 -5.13 2.84
N ASP B 42 30.94 -5.33 1.60
CA ASP B 42 29.99 -6.41 1.23
C ASP B 42 30.67 -7.72 1.64
N PRO B 43 30.10 -8.50 2.58
CA PRO B 43 30.70 -9.77 2.96
C PRO B 43 30.54 -10.86 1.90
N TYR B 44 29.56 -10.74 1.00
CA TYR B 44 29.27 -11.74 -0.07
C TYR B 44 29.44 -11.07 -1.42
N PRO B 45 30.64 -10.51 -1.74
CA PRO B 45 30.81 -9.75 -2.98
C PRO B 45 30.63 -10.67 -4.19
N VAL B 46 30.14 -10.12 -5.26
CA VAL B 46 29.85 -10.90 -6.43
C VAL B 46 30.65 -10.24 -7.52
N GLY B 47 31.43 -11.02 -8.24
CA GLY B 47 32.32 -10.45 -9.21
C GLY B 47 33.51 -9.97 -8.41
N ASP B 48 33.83 -8.69 -8.53
CA ASP B 48 34.93 -8.12 -7.80
C ASP B 48 34.61 -7.79 -6.37
N ALA B 49 35.48 -8.18 -5.45
CA ALA B 49 35.26 -7.94 -4.05
C ALA B 49 35.60 -6.54 -3.63
N ASP B 50 36.18 -5.77 -4.54
CA ASP B 50 36.55 -4.40 -4.27
C ASP B 50 35.65 -3.46 -5.03
N ALA B 51 34.57 -3.97 -5.62
CA ALA B 51 33.69 -3.16 -6.43
C ALA B 51 32.88 -2.10 -5.70
N HIS B 52 32.57 -2.30 -4.43
CA HIS B 52 31.73 -1.35 -3.69
C HIS B 52 32.33 -0.93 -2.38
N LEU B 53 33.05 0.17 -2.38
CA LEU B 53 33.75 0.62 -1.19
C LEU B 53 33.27 1.96 -0.66
N ALA B 54 33.36 2.15 0.64
CA ALA B 54 32.97 3.43 1.29
C ALA B 54 34.24 4.27 1.49
N SER B 55 34.15 5.58 1.26
CA SER B 55 35.22 6.57 1.55
C SER B 55 35.19 7.00 3.02
N ALA B 56 34.06 6.79 3.70
CA ALA B 56 33.85 7.16 5.11
C ALA B 56 32.50 6.62 5.59
N VAL B 57 32.30 6.60 6.90
CA VAL B 57 31.02 6.22 7.57
C VAL B 57 30.68 7.31 8.60
N ILE B 58 29.49 7.90 8.49
CA ILE B 58 29.03 8.99 9.37
C ILE B 58 27.77 8.53 10.08
N SER B 59 27.78 8.68 11.40
CA SER B 59 26.71 8.21 12.32
C SER B 59 26.09 9.44 12.96
N PRO B 60 25.05 10.06 12.33
CA PRO B 60 24.36 11.20 12.90
C PRO B 60 23.60 10.80 14.17
N ARG B 61 23.51 11.71 15.14
CA ARG B 61 22.84 11.47 16.44
C ARG B 61 21.32 11.44 16.24
N ASP B 62 20.79 12.27 15.33
CA ASP B 62 19.34 12.60 15.30
C ASP B 62 18.96 13.21 13.96
N THR B 63 17.66 13.47 13.75
CA THR B 63 17.11 14.04 12.49
C THR B 63 17.86 15.35 12.12
N GLU B 64 18.03 16.24 13.11
CA GLU B 64 18.68 17.56 12.92
C GLU B 64 20.09 17.34 12.38
N GLN B 65 20.83 16.37 12.93
CA GLN B 65 22.20 16.04 12.44
C GLN B 65 22.12 15.40 11.03
N VAL B 66 21.18 14.51 10.76
CA VAL B 66 21.03 13.94 9.38
C VAL B 66 20.86 15.11 8.40
N GLN B 67 19.96 16.05 8.72
CA GLN B 67 19.68 17.23 7.86
C GLN B 67 20.98 18.00 7.61
N GLU B 68 21.72 18.32 8.67
CA GLU B 68 22.94 19.15 8.53
C GLU B 68 23.97 18.37 7.68
N VAL B 69 24.12 17.05 7.87
CA VAL B 69 25.12 16.27 7.09
C VAL B 69 24.65 16.21 5.64
N VAL B 70 23.33 16.19 5.42
CA VAL B 70 22.83 16.23 4.02
C VAL B 70 23.13 17.60 3.41
N ARG B 71 22.96 18.71 4.13
CA ARG B 71 23.28 20.08 3.62
C ARG B 71 24.77 20.21 3.30
N ILE B 72 25.64 19.64 4.13
CA ILE B 72 27.12 19.64 3.91
C ILE B 72 27.41 18.85 2.63
N ALA B 73 26.79 17.68 2.49
CA ALA B 73 26.94 16.84 1.29
C ALA B 73 26.61 17.64 0.02
N ASN B 74 25.52 18.41 0.06
CA ASN B 74 25.01 19.23 -1.06
C ASN B 74 25.98 20.36 -1.43
N ARG B 75 26.61 20.96 -0.41
CA ARG B 75 27.61 22.06 -0.51
C ARG B 75 28.83 21.55 -1.31
N TYR B 76 29.34 20.36 -0.99
CA TYR B 76 30.64 19.82 -1.49
C TYR B 76 30.44 18.69 -2.51
N GLY B 77 29.20 18.36 -2.87
CA GLY B 77 28.88 17.35 -3.91
C GLY B 77 29.28 15.96 -3.47
N ILE B 78 29.12 15.64 -2.20
CA ILE B 78 29.52 14.32 -1.64
C ILE B 78 28.35 13.35 -1.74
N PRO B 79 28.55 12.22 -2.50
CA PRO B 79 27.46 11.25 -2.50
C PRO B 79 27.32 10.55 -1.18
N LEU B 80 26.10 10.39 -0.76
CA LEU B 80 25.85 9.72 0.49
C LEU B 80 24.99 8.51 0.32
N SER B 81 25.49 7.35 0.69
CA SER B 81 24.70 6.17 0.69
C SER B 81 24.12 6.01 2.09
N VAL B 82 23.19 5.09 2.27
CA VAL B 82 22.49 4.95 3.54
C VAL B 82 22.23 3.56 4.09
N ILE B 83 22.52 3.32 5.36
CA ILE B 83 22.12 2.07 6.05
C ILE B 83 21.29 2.43 7.27
N SER B 84 20.52 1.47 7.74
CA SER B 84 20.00 1.35 9.12
C SER B 84 20.93 0.45 9.96
N THR B 85 20.92 -0.84 9.75
CA THR B 85 21.87 -1.76 10.43
C THR B 85 22.84 -2.38 9.40
N GLY B 86 22.61 -2.16 8.10
CA GLY B 86 23.49 -2.62 6.99
C GLY B 86 23.72 -4.12 6.97
N ARG B 87 22.68 -4.93 7.19
CA ARG B 87 22.77 -6.41 7.14
C ARG B 87 22.10 -6.89 5.85
N ASN B 88 22.22 -6.09 4.78
CA ASN B 88 21.55 -6.34 3.49
C ASN B 88 22.36 -7.42 2.74
N ASN B 89 22.55 -8.55 3.41
CA ASN B 89 23.42 -9.66 2.97
C ASN B 89 22.69 -10.46 1.87
N GLY B 90 23.37 -10.63 0.74
CA GLY B 90 22.80 -11.11 -0.52
C GLY B 90 22.57 -9.96 -1.48
N TYR B 91 22.63 -8.71 -0.99
CA TYR B 91 22.24 -7.51 -1.78
C TYR B 91 23.34 -6.43 -1.75
N GLY B 92 24.45 -6.69 -1.05
CA GLY B 92 25.61 -5.78 -1.02
C GLY B 92 26.00 -5.40 0.40
N GLY B 93 25.27 -5.88 1.40
CA GLY B 93 25.52 -5.56 2.83
C GLY B 93 25.40 -4.07 3.03
N SER B 94 26.38 -3.43 3.67
CA SER B 94 26.33 -1.98 3.95
C SER B 94 27.16 -1.24 2.89
N ALA B 95 27.47 -1.92 1.79
CA ALA B 95 28.33 -1.36 0.71
C ALA B 95 27.50 -0.47 -0.20
N PRO B 96 28.03 0.71 -0.61
CA PRO B 96 27.29 1.62 -1.46
C PRO B 96 27.27 1.12 -2.91
N ARG B 97 26.18 1.41 -3.61
CA ARG B 97 26.07 1.12 -5.06
C ARG B 97 27.17 1.92 -5.76
N LEU B 98 27.23 3.24 -5.49
CA LEU B 98 28.29 4.14 -6.01
C LEU B 98 29.56 3.95 -5.18
N SER B 99 30.55 3.27 -5.76
CA SER B 99 31.84 3.00 -5.07
C SER B 99 32.45 4.35 -4.70
N GLY B 100 32.92 4.51 -3.47
CA GLY B 100 33.45 5.77 -3.02
C GLY B 100 32.53 6.62 -2.20
N ALA B 101 31.27 6.24 -2.10
CA ALA B 101 30.31 7.05 -1.35
C ALA B 101 30.52 7.07 0.13
N VAL B 102 30.01 8.11 0.75
CA VAL B 102 30.08 8.18 2.18
C VAL B 102 28.81 7.53 2.74
N VAL B 103 28.98 6.53 3.57
CA VAL B 103 27.83 5.87 4.15
C VAL B 103 27.24 6.63 5.32
N VAL B 104 25.95 6.91 5.27
CA VAL B 104 25.26 7.50 6.45
C VAL B 104 24.71 6.32 7.24
N ASN B 105 25.22 6.16 8.45
CA ASN B 105 24.87 5.06 9.35
C ASN B 105 23.84 5.59 10.33
N THR B 106 22.55 5.43 10.02
CA THR B 106 21.41 6.00 10.77
C THR B 106 21.20 5.18 12.05
N GLY B 107 21.50 3.88 12.01
CA GLY B 107 21.20 2.89 13.06
C GLY B 107 22.14 2.96 14.27
N GLU B 108 23.36 3.45 14.13
CA GLU B 108 24.33 3.41 15.25
C GLU B 108 23.75 4.15 16.45
N ARG B 109 23.35 5.41 16.28
CA ARG B 109 22.86 6.31 17.37
C ARG B 109 21.33 6.46 17.33
N MET B 110 20.70 6.35 16.15
CA MET B 110 19.22 6.48 16.07
C MET B 110 18.60 5.08 16.15
N ASN B 111 18.49 4.58 17.38
CA ASN B 111 18.25 3.15 17.66
C ASN B 111 17.17 2.99 18.74
N ARG B 112 16.33 4.01 18.95
CA ARG B 112 15.34 3.98 20.06
C ARG B 112 13.99 3.52 19.51
N ILE B 113 13.31 2.70 20.30
CA ILE B 113 11.85 2.49 20.16
C ILE B 113 11.17 3.74 20.71
N LEU B 114 10.51 4.54 19.88
CA LEU B 114 10.04 5.88 20.27
C LEU B 114 8.68 5.74 20.97
N GLU B 115 7.91 4.72 20.59
CA GLU B 115 6.52 4.55 21.07
C GLU B 115 6.05 3.16 20.70
N VAL B 116 5.43 2.47 21.64
CA VAL B 116 4.58 1.28 21.37
C VAL B 116 3.23 1.54 21.99
N ASP B 117 2.17 1.38 21.21
CA ASP B 117 0.78 1.38 21.69
C ASP B 117 0.26 -0.06 21.62
N GLU B 118 0.04 -0.69 22.78
CA GLU B 118 -0.36 -2.12 22.86
C GLU B 118 -1.78 -2.30 22.33
N LYS B 119 -2.72 -1.50 22.80
CA LYS B 119 -4.16 -1.58 22.43
C LYS B 119 -4.37 -1.37 20.91
N LEU B 120 -3.66 -0.42 20.28
CA LEU B 120 -3.89 -0.05 18.85
C LEU B 120 -2.87 -0.76 17.96
N GLY B 121 -1.86 -1.41 18.58
CA GLY B 121 -0.94 -2.36 17.92
C GLY B 121 0.00 -1.69 16.93
N TYR B 122 0.90 -0.83 17.39
CA TYR B 122 1.92 -0.20 16.54
C TYR B 122 3.12 0.18 17.36
N ALA B 123 4.22 0.44 16.66
CA ALA B 123 5.46 1.04 17.18
C ALA B 123 5.88 2.16 16.24
N LEU B 124 6.47 3.19 16.82
CA LEU B 124 7.23 4.23 16.10
C LEU B 124 8.68 3.97 16.42
N LEU B 125 9.46 3.76 15.36
CA LEU B 125 10.83 3.18 15.42
C LEU B 125 11.82 4.12 14.75
N GLU B 126 13.02 4.13 15.28
CA GLU B 126 14.18 4.74 14.59
C GLU B 126 14.91 3.59 13.90
N PRO B 127 15.84 3.90 12.97
CA PRO B 127 16.44 2.87 12.11
C PRO B 127 17.25 1.75 12.80
N GLY B 128 17.89 2.02 13.93
CA GLY B 128 18.80 1.09 14.61
C GLY B 128 18.06 0.06 15.44
N VAL B 129 16.72 0.12 15.49
CA VAL B 129 15.96 -0.94 16.20
C VAL B 129 15.99 -2.22 15.36
N THR B 130 16.53 -3.30 15.93
CA THR B 130 16.65 -4.63 15.26
C THR B 130 15.40 -5.43 15.60
N TYR B 131 15.16 -6.55 14.91
CA TYR B 131 14.00 -7.40 15.22
C TYR B 131 14.09 -7.88 16.66
N PHE B 132 15.30 -8.28 17.09
CA PHE B 132 15.64 -8.74 18.46
C PHE B 132 15.22 -7.66 19.47
N ASP B 133 15.71 -6.44 19.27
CA ASP B 133 15.40 -5.26 20.12
C ASP B 133 13.89 -5.17 20.30
N LEU B 134 13.15 -5.21 19.19
CA LEU B 134 11.71 -4.92 19.25
C LEU B 134 11.01 -6.08 19.97
N HIS B 135 11.37 -7.33 19.64
CA HIS B 135 10.88 -8.56 20.33
C HIS B 135 11.10 -8.45 21.84
N GLU B 136 12.32 -8.10 22.23
CA GLU B 136 12.76 -8.00 23.65
C GLU B 136 11.92 -6.92 24.35
N TYR B 137 11.73 -5.77 23.71
CA TYR B 137 10.85 -4.69 24.18
C TYR B 137 9.41 -5.20 24.39
N LEU B 138 8.85 -5.87 23.41
CA LEU B 138 7.47 -6.27 23.49
C LEU B 138 7.23 -7.27 24.60
N GLU B 139 8.09 -8.24 24.73
CA GLU B 139 7.92 -9.25 25.75
C GLU B 139 7.88 -8.62 27.13
N ALA B 140 8.66 -7.58 27.31
CA ALA B 140 8.69 -6.88 28.57
C ALA B 140 7.59 -5.86 28.85
N HIS B 141 7.10 -5.15 27.82
CA HIS B 141 6.13 -4.03 27.96
C HIS B 141 4.85 -4.09 27.14
N ALA B 142 4.87 -4.75 25.99
CA ALA B 142 3.65 -4.94 25.21
C ALA B 142 3.46 -6.46 24.83
N PRO B 143 3.45 -7.42 25.82
CA PRO B 143 3.32 -8.85 25.51
C PRO B 143 2.15 -9.43 24.72
N SER B 144 1.05 -8.70 24.55
CA SER B 144 -0.10 -9.12 23.69
C SER B 144 0.27 -9.03 22.20
N LEU B 145 1.39 -8.38 21.87
CA LEU B 145 1.84 -8.06 20.50
C LEU B 145 3.01 -8.96 20.12
N MET B 146 3.21 -9.12 18.80
CA MET B 146 4.36 -9.85 18.20
C MET B 146 4.88 -9.11 16.96
N ILE B 147 6.19 -9.18 16.75
CA ILE B 147 6.87 -8.64 15.54
C ILE B 147 6.56 -9.57 14.37
N ASP B 148 6.81 -9.09 13.15
CA ASP B 148 6.99 -9.95 11.97
C ASP B 148 8.45 -9.76 11.58
N CYS B 149 9.19 -10.86 11.57
CA CYS B 149 10.61 -10.81 11.28
C CYS B 149 10.98 -11.64 10.10
N PRO B 150 12.08 -11.30 9.45
CA PRO B 150 12.56 -12.16 8.39
C PRO B 150 13.31 -13.35 9.03
N ASP B 151 14.01 -14.09 8.18
CA ASP B 151 14.78 -15.26 8.62
C ASP B 151 15.81 -14.92 9.66
N LEU B 152 16.45 -13.76 9.52
CA LEU B 152 17.45 -13.31 10.47
C LEU B 152 16.97 -12.14 11.33
N GLY B 153 17.24 -12.15 12.62
CA GLY B 153 16.74 -11.15 13.57
C GLY B 153 17.65 -9.96 13.68
N TRP B 154 18.86 -9.99 13.10
CA TRP B 154 19.85 -8.94 13.43
C TRP B 154 19.61 -7.71 12.55
N GLY B 155 18.66 -7.79 11.61
CA GLY B 155 18.34 -6.71 10.68
C GLY B 155 17.48 -5.61 11.30
N SER B 156 17.25 -4.53 10.56
CA SER B 156 16.49 -3.32 10.95
C SER B 156 15.01 -3.47 10.59
N VAL B 157 14.13 -3.22 11.55
CA VAL B 157 12.66 -3.26 11.29
C VAL B 157 12.37 -2.23 10.18
N VAL B 158 13.05 -1.08 10.27
CA VAL B 158 12.99 0.07 9.33
C VAL B 158 13.67 -0.31 8.01
N GLY B 159 14.96 -0.64 8.05
CA GLY B 159 15.79 -0.86 6.85
C GLY B 159 15.24 -2.00 6.01
N ASN B 160 14.82 -3.08 6.65
CA ASN B 160 14.20 -4.21 5.93
C ASN B 160 12.93 -3.70 5.26
N ALA B 161 12.09 -2.89 5.94
CA ALA B 161 10.86 -2.34 5.35
C ALA B 161 11.19 -1.49 4.12
N LEU B 162 12.26 -0.68 4.18
CA LEU B 162 12.62 0.29 3.10
C LEU B 162 13.22 -0.40 1.85
N ASP B 163 13.57 -1.68 1.93
CA ASP B 163 13.96 -2.50 0.74
C ASP B 163 12.80 -3.45 0.38
N ARG B 164 11.64 -3.29 1.04
CA ARG B 164 10.39 -4.09 0.89
C ARG B 164 10.70 -5.58 1.14
N GLY B 165 11.45 -5.84 2.22
CA GLY B 165 11.75 -7.18 2.71
C GLY B 165 10.49 -7.81 3.28
N ALA B 166 10.56 -9.06 3.71
CA ALA B 166 9.36 -9.79 4.15
C ALA B 166 9.68 -10.77 5.26
N GLY B 167 8.67 -11.04 6.09
CA GLY B 167 8.62 -12.19 6.99
C GLY B 167 7.44 -13.05 6.65
N TYR B 168 7.02 -13.91 7.58
CA TYR B 168 6.18 -15.10 7.29
C TYR B 168 4.97 -15.18 8.22
N THR B 169 4.72 -14.17 9.06
CA THR B 169 3.46 -14.06 9.83
C THR B 169 2.42 -13.45 8.90
N PRO B 170 1.13 -13.32 9.31
CA PRO B 170 0.17 -12.64 8.47
C PRO B 170 0.62 -11.19 8.18
N TYR B 171 1.51 -10.63 9.01
CA TYR B 171 2.10 -9.28 8.81
C TYR B 171 3.41 -9.38 8.01
N GLY B 172 3.52 -10.37 7.12
CA GLY B 172 4.76 -10.71 6.37
C GLY B 172 5.20 -9.59 5.43
N ASP B 173 4.28 -8.82 4.84
CA ASP B 173 4.62 -7.70 3.92
C ASP B 173 4.99 -6.46 4.72
N HIS B 174 6.28 -6.26 4.98
CA HIS B 174 6.77 -5.24 5.96
C HIS B 174 6.37 -3.85 5.47
N PHE B 175 6.46 -3.57 4.17
CA PHE B 175 6.06 -2.25 3.62
C PHE B 175 4.56 -2.02 3.84
N MET B 176 3.73 -3.03 3.55
CA MET B 176 2.27 -2.96 3.78
C MET B 176 2.03 -2.41 5.20
N TRP B 177 2.67 -2.98 6.23
CA TRP B 177 2.37 -2.66 7.64
C TRP B 177 3.10 -1.39 8.08
N GLN B 178 4.11 -0.96 7.33
CA GLN B 178 4.80 0.35 7.54
C GLN B 178 3.72 1.44 7.52
N THR B 179 3.67 2.27 8.55
CA THR B 179 2.58 3.24 8.71
C THR B 179 3.21 4.55 9.19
N GLY B 180 3.43 5.46 8.24
CA GLY B 180 4.00 6.78 8.49
C GLY B 180 5.51 6.72 8.57
N MET B 181 6.15 7.80 8.16
CA MET B 181 7.63 7.87 8.23
C MET B 181 8.02 9.33 8.22
N GLU B 182 9.17 9.63 8.81
CA GLU B 182 9.80 10.96 8.77
C GLU B 182 11.04 10.83 7.88
N VAL B 183 11.17 11.72 6.90
CA VAL B 183 12.26 11.52 5.89
C VAL B 183 12.98 12.85 5.73
N VAL B 184 14.32 12.74 5.65
CA VAL B 184 15.14 13.90 5.20
C VAL B 184 15.31 13.81 3.69
N LEU B 185 14.77 14.78 2.96
CA LEU B 185 14.85 14.85 1.49
C LEU B 185 16.28 15.20 1.09
N PRO B 186 16.63 14.96 -0.19
CA PRO B 186 18.01 15.03 -0.66
C PRO B 186 18.75 16.37 -0.45
N GLN B 187 18.05 17.49 -0.31
CA GLN B 187 18.66 18.79 -0.03
C GLN B 187 18.59 19.20 1.45
N GLY B 188 18.08 18.34 2.31
CA GLY B 188 18.10 18.62 3.73
C GLY B 188 16.83 18.97 4.43
N ASP B 189 15.75 19.11 3.70
CA ASP B 189 14.47 19.36 4.30
C ASP B 189 13.91 18.09 4.88
N VAL B 190 13.15 18.19 5.94
CA VAL B 190 12.57 17.03 6.59
C VAL B 190 11.05 17.07 6.40
N MET B 191 10.43 15.91 6.28
CA MET B 191 8.97 15.89 6.11
C MET B 191 8.46 14.59 6.73
N ARG B 192 7.22 14.65 7.20
CA ARG B 192 6.47 13.48 7.70
C ARG B 192 5.40 13.16 6.68
N THR B 193 5.15 11.88 6.48
CA THR B 193 4.17 11.34 5.50
C THR B 193 2.87 11.09 6.22
N GLY B 194 1.79 10.98 5.47
CA GLY B 194 0.47 10.56 5.97
C GLY B 194 -0.06 11.50 7.04
N MET B 195 -0.64 10.92 8.08
CA MET B 195 -1.31 11.70 9.16
C MET B 195 -0.28 12.49 10.00
N GLY B 196 0.99 12.13 9.94
CA GLY B 196 2.05 12.79 10.71
C GLY B 196 2.33 14.17 10.14
N ALA B 197 1.91 14.46 8.90
CA ALA B 197 2.03 15.81 8.29
C ALA B 197 1.11 16.82 8.98
N LEU B 198 0.12 16.37 9.75
CA LEU B 198 -0.76 17.26 10.56
C LEU B 198 -0.15 17.46 11.94
N PRO B 199 0.35 18.66 12.30
CA PRO B 199 0.90 18.87 13.65
C PRO B 199 -0.11 18.52 14.75
N GLY B 200 0.29 17.74 15.73
CA GLY B 200 -0.56 17.33 16.87
C GLY B 200 -1.44 16.15 16.49
N SER B 201 -1.17 15.54 15.36
CA SER B 201 -1.91 14.34 14.94
C SER B 201 -1.85 13.20 15.91
N THR B 202 -2.96 12.52 16.09
CA THR B 202 -3.01 11.38 16.97
C THR B 202 -3.11 10.07 16.17
N THR B 203 -2.98 10.15 14.87
CA THR B 203 -3.19 8.99 14.02
C THR B 203 -2.07 8.60 13.04
N TRP B 204 -0.86 9.08 13.24
CA TRP B 204 0.27 8.73 12.38
C TRP B 204 0.44 7.25 12.08
N GLN B 205 0.30 6.41 13.08
CA GLN B 205 0.53 5.00 12.90
C GLN B 205 -0.72 4.15 12.76
N LEU B 206 -1.83 4.79 12.49
CA LEU B 206 -3.10 4.09 12.43
C LEU B 206 -3.62 3.93 11.01
N ILE B 207 -3.19 4.79 10.08
CA ILE B 207 -3.59 4.73 8.68
C ILE B 207 -2.37 5.05 7.79
N PRO B 208 -2.08 4.26 6.70
CA PRO B 208 -0.83 4.54 5.99
C PRO B 208 -0.87 5.82 5.13
N TYR B 209 -2.06 6.21 4.70
CA TYR B 209 -2.28 7.32 3.73
C TYR B 209 -2.79 8.53 4.50
N GLY B 210 -2.31 9.71 4.11
CA GLY B 210 -2.82 11.01 4.56
C GLY B 210 -3.77 11.56 3.52
N PHE B 211 -3.71 12.86 3.28
CA PHE B 211 -4.74 13.55 2.49
C PHE B 211 -4.41 13.51 0.99
N GLY B 212 -3.29 14.00 0.52
CA GLY B 212 -3.16 14.12 -0.96
C GLY B 212 -2.49 12.91 -1.59
N PRO B 213 -1.57 13.07 -2.56
CA PRO B 213 -0.85 11.93 -3.15
C PRO B 213 -0.05 11.18 -2.07
N TYR B 214 -0.10 9.85 -2.11
CA TYR B 214 0.47 8.94 -1.09
C TYR B 214 1.92 8.63 -1.45
N PRO B 215 2.91 9.14 -0.69
CA PRO B 215 4.30 9.11 -1.10
C PRO B 215 5.21 8.02 -0.54
N ASP B 216 4.83 7.33 0.53
CA ASP B 216 5.75 6.46 1.32
C ASP B 216 6.46 5.45 0.42
N GLY B 217 5.72 4.87 -0.53
CA GLY B 217 6.23 3.88 -1.50
C GLY B 217 7.48 4.34 -2.20
N MET B 218 7.57 5.63 -2.49
CA MET B 218 8.64 6.26 -3.29
C MET B 218 9.93 6.33 -2.47
N PHE B 219 9.85 6.02 -1.18
CA PHE B 219 11.01 6.00 -0.26
C PHE B 219 11.46 4.56 -0.04
N THR B 220 10.90 3.62 -0.78
CA THR B 220 11.29 2.19 -0.67
C THR B 220 12.03 1.80 -1.97
N GLN B 221 13.03 0.93 -1.85
CA GLN B 221 14.04 0.57 -2.89
C GLN B 221 14.47 1.85 -3.63
N SER B 222 14.82 2.89 -2.86
CA SER B 222 14.80 4.28 -3.35
C SER B 222 15.96 5.03 -2.74
N ASN B 223 16.40 6.05 -3.47
CA ASN B 223 17.46 6.99 -3.05
C ASN B 223 16.86 8.40 -2.98
N LEU B 224 15.56 8.54 -2.70
CA LEU B 224 14.90 9.87 -2.59
C LEU B 224 14.95 10.42 -1.16
N GLY B 225 15.52 9.71 -0.19
CA GLY B 225 15.69 10.36 1.13
C GLY B 225 16.18 9.44 2.19
N ILE B 226 16.52 10.01 3.35
CA ILE B 226 16.97 9.24 4.55
C ILE B 226 15.85 9.25 5.58
N VAL B 227 15.27 8.07 5.84
CA VAL B 227 14.19 7.83 6.82
C VAL B 227 14.81 7.89 8.22
N THR B 228 14.20 8.67 9.11
CA THR B 228 14.71 8.93 10.49
C THR B 228 13.76 8.33 11.50
N LYS B 229 12.50 8.12 11.12
CA LYS B 229 11.45 7.49 11.95
C LYS B 229 10.52 6.75 11.01
N MET B 230 10.06 5.60 11.46
CA MET B 230 9.10 4.75 10.72
C MET B 230 8.15 4.10 11.72
N GLY B 231 6.85 4.18 11.43
CA GLY B 231 5.81 3.45 12.13
C GLY B 231 5.62 2.07 11.54
N ILE B 232 5.19 1.12 12.37
CA ILE B 232 4.81 -0.22 11.86
C ILE B 232 3.67 -0.72 12.73
N ALA B 233 2.64 -1.26 12.07
CA ALA B 233 1.56 -2.02 12.71
C ALA B 233 2.16 -3.31 13.28
N LEU B 234 1.63 -3.74 14.41
CA LEU B 234 2.09 -4.95 15.15
C LEU B 234 0.88 -5.82 15.41
N MET B 235 1.00 -7.06 15.00
CA MET B 235 -0.09 -8.04 15.09
C MET B 235 -0.23 -8.47 16.56
N GLN B 236 -1.48 -8.73 16.93
CA GLN B 236 -1.89 -9.33 18.22
C GLN B 236 -1.51 -10.81 18.20
N LYS B 237 -0.80 -11.26 19.22
CA LYS B 237 -0.55 -12.71 19.50
C LYS B 237 -1.89 -13.43 19.55
N PRO B 238 -2.11 -14.48 18.72
CA PRO B 238 -3.33 -15.29 18.79
C PRO B 238 -3.23 -16.14 20.05
N PRO B 239 -4.35 -16.76 20.50
CA PRO B 239 -4.34 -17.49 21.77
C PRO B 239 -3.39 -18.69 21.70
N ALA B 240 -3.27 -19.29 20.51
CA ALA B 240 -2.44 -20.49 20.26
C ALA B 240 -2.04 -20.54 18.79
N SER B 241 -0.99 -21.32 18.57
CA SER B 241 -0.24 -21.45 17.30
C SER B 241 0.22 -22.89 17.16
N MET B 242 0.38 -23.36 15.92
CA MET B 242 1.18 -24.58 15.66
C MET B 242 1.71 -24.55 14.22
N THR B 243 2.98 -24.88 14.08
CA THR B 243 3.72 -24.93 12.80
C THR B 243 3.82 -26.40 12.35
N TYR B 244 3.64 -26.63 11.06
CA TYR B 244 3.68 -27.99 10.49
C TYR B 244 4.62 -28.00 9.28
N GLN B 245 5.01 -29.22 8.91
CA GLN B 245 5.94 -29.56 7.80
C GLN B 245 5.28 -30.64 6.99
N ILE B 246 5.16 -30.43 5.68
CA ILE B 246 4.74 -31.47 4.69
C ILE B 246 5.98 -31.76 3.86
N THR B 247 6.40 -33.03 3.81
CA THR B 247 7.54 -33.50 2.99
C THR B 247 6.95 -34.10 1.72
N PHE B 248 7.50 -33.74 0.56
CA PHE B 248 7.07 -34.24 -0.76
C PHE B 248 8.27 -34.90 -1.41
N GLU B 249 8.08 -36.15 -1.84
CA GLU B 249 9.17 -37.06 -2.26
C GLU B 249 9.78 -36.58 -3.59
N ASN B 250 8.98 -36.09 -4.52
CA ASN B 250 9.39 -35.93 -5.94
C ASN B 250 9.64 -34.46 -6.24
N GLU B 251 10.75 -34.20 -6.93
CA GLU B 251 11.00 -32.97 -7.73
C GLU B 251 9.72 -32.47 -8.43
N SER B 252 9.05 -33.36 -9.15
CA SER B 252 7.95 -33.04 -10.09
C SER B 252 6.66 -32.77 -9.31
N ASP B 253 6.65 -32.96 -7.99
CA ASP B 253 5.45 -32.72 -7.13
C ASP B 253 5.21 -31.21 -7.01
N LEU B 254 6.26 -30.42 -7.25
CA LEU B 254 6.21 -28.94 -7.21
C LEU B 254 4.95 -28.44 -7.90
N GLU B 255 4.61 -28.99 -9.06
CA GLU B 255 3.46 -28.51 -9.88
C GLU B 255 2.14 -28.66 -9.10
N GLN B 256 1.83 -29.84 -8.57
CA GLN B 256 0.61 -30.10 -7.77
C GLN B 256 0.62 -29.28 -6.47
N ILE B 257 1.76 -29.22 -5.77
CA ILE B 257 1.92 -28.47 -4.49
C ILE B 257 1.47 -27.03 -4.71
N VAL B 258 1.99 -26.36 -5.74
CA VAL B 258 1.68 -24.93 -6.01
C VAL B 258 0.21 -24.77 -6.41
N ASP B 259 -0.36 -25.71 -7.18
CA ASP B 259 -1.77 -25.64 -7.64
C ASP B 259 -2.74 -25.93 -6.49
N ILE B 260 -2.31 -26.69 -5.47
CA ILE B 260 -3.12 -26.89 -4.23
C ILE B 260 -2.91 -25.67 -3.32
N MET B 261 -1.70 -25.12 -3.30
CA MET B 261 -1.30 -24.01 -2.39
C MET B 261 -2.15 -22.77 -2.68
N LEU B 262 -2.31 -22.39 -3.95
CA LEU B 262 -2.91 -21.09 -4.31
C LEU B 262 -4.32 -20.98 -3.75
N PRO B 263 -5.28 -21.89 -4.04
CA PRO B 263 -6.65 -21.77 -3.52
C PRO B 263 -6.75 -21.81 -1.99
N LEU B 264 -5.72 -22.30 -1.30
CA LEU B 264 -5.77 -22.39 0.18
C LEU B 264 -5.15 -21.13 0.79
N ARG B 265 -4.43 -20.32 -0.01
CA ARG B 265 -3.70 -19.13 0.50
C ARG B 265 -4.43 -17.84 0.09
N ILE B 266 -5.09 -17.83 -1.06
CA ILE B 266 -5.60 -16.57 -1.65
C ILE B 266 -6.66 -15.95 -0.72
N ASN B 267 -7.38 -16.74 0.08
CA ASN B 267 -8.39 -16.22 1.03
C ASN B 267 -7.77 -16.02 2.42
N MET B 268 -6.47 -16.27 2.59
CA MET B 268 -5.71 -16.11 3.88
C MET B 268 -6.19 -17.17 4.88
N ALA B 269 -6.86 -18.20 4.40
CA ALA B 269 -7.21 -19.40 5.20
C ALA B 269 -7.58 -20.50 4.20
N PRO B 270 -7.27 -21.77 4.50
CA PRO B 270 -6.67 -22.15 5.78
C PRO B 270 -5.18 -21.82 5.94
N LEU B 271 -4.46 -21.56 4.85
CA LEU B 271 -3.03 -21.15 4.90
C LEU B 271 -2.95 -19.71 5.42
N GLN B 272 -2.91 -19.57 6.74
CA GLN B 272 -3.04 -18.29 7.48
C GLN B 272 -1.75 -17.48 7.42
N ASN B 273 -0.58 -18.11 7.43
CA ASN B 273 0.69 -17.36 7.38
C ASN B 273 1.21 -17.39 5.94
N VAL B 274 2.43 -16.89 5.70
CA VAL B 274 3.07 -16.96 4.36
C VAL B 274 3.59 -18.37 4.15
N PRO B 275 3.00 -19.19 3.25
CA PRO B 275 3.45 -20.56 3.06
C PRO B 275 4.79 -20.57 2.31
N VAL B 276 5.72 -21.41 2.74
CA VAL B 276 7.01 -21.56 2.09
C VAL B 276 7.25 -23.01 1.64
N LEU B 277 7.93 -23.18 0.53
CA LEU B 277 8.25 -24.50 0.03
C LEU B 277 9.72 -24.56 -0.24
N ARG B 278 10.45 -25.13 0.68
CA ARG B 278 11.87 -25.22 0.55
C ARG B 278 12.37 -26.54 -0.04
N ASN B 279 13.34 -26.46 -0.92
CA ASN B 279 13.95 -27.66 -1.53
C ASN B 279 14.94 -28.29 -0.54
N ILE B 280 15.38 -29.50 -0.84
CA ILE B 280 16.24 -30.33 0.05
C ILE B 280 17.50 -29.54 0.44
N ILE B 281 18.13 -28.88 -0.52
CA ILE B 281 19.45 -28.21 -0.30
C ILE B 281 19.25 -27.09 0.72
N LEU B 282 18.15 -26.35 0.58
CA LEU B 282 17.87 -25.20 1.47
C LEU B 282 17.77 -25.68 2.91
N ASP B 283 17.14 -26.83 3.21
CA ASP B 283 17.02 -27.18 4.65
C ASP B 283 17.96 -28.32 5.07
N ALA B 284 18.71 -28.92 4.13
CA ALA B 284 19.92 -29.72 4.44
C ALA B 284 21.05 -28.77 4.84
N ALA B 285 21.21 -27.65 4.12
CA ALA B 285 22.36 -26.71 4.28
C ALA B 285 22.35 -26.08 5.67
N VAL B 286 21.18 -25.98 6.29
CA VAL B 286 21.05 -25.79 7.76
C VAL B 286 21.19 -27.21 8.32
N VAL B 287 22.06 -27.44 9.29
CA VAL B 287 22.26 -28.78 9.94
C VAL B 287 23.25 -29.67 9.17
N SER B 288 23.86 -29.24 8.05
CA SER B 288 24.96 -30.02 7.41
C SER B 288 25.78 -29.16 6.42
N GLN B 289 26.91 -29.75 6.01
CA GLN B 289 27.86 -29.17 5.03
C GLN B 289 27.80 -30.03 3.77
N ARG B 290 28.05 -29.43 2.61
CA ARG B 290 28.02 -30.14 1.30
C ARG B 290 28.95 -31.38 1.36
N ALA B 291 30.12 -31.20 2.00
CA ALA B 291 31.14 -32.24 2.24
C ALA B 291 30.51 -33.52 2.83
N ASP B 292 29.47 -33.41 3.64
CA ASP B 292 28.86 -34.56 4.26
C ASP B 292 28.14 -35.45 3.29
N TRP B 293 27.92 -34.97 2.08
CA TRP B 293 27.13 -35.73 1.12
C TRP B 293 27.81 -36.00 -0.21
N TYR B 294 28.81 -35.21 -0.55
CA TYR B 294 29.49 -35.35 -1.84
C TYR B 294 30.79 -34.62 -1.74
N ASP B 295 31.86 -35.28 -2.14
CA ASP B 295 33.17 -34.66 -2.14
C ASP B 295 33.64 -34.56 -3.55
N GLY B 296 32.86 -35.10 -4.46
CA GLY B 296 33.24 -35.11 -5.83
C GLY B 296 33.18 -33.84 -6.62
N ASP B 297 33.25 -33.97 -7.92
CA ASP B 297 33.29 -32.81 -8.76
C ASP B 297 31.97 -32.53 -9.41
N GLY B 298 31.75 -31.28 -9.79
CA GLY B 298 30.52 -30.93 -10.53
C GLY B 298 29.28 -30.86 -9.64
N PRO B 299 28.06 -30.89 -10.24
CA PRO B 299 26.82 -30.77 -9.48
C PRO B 299 26.63 -31.92 -8.46
N LEU B 300 25.73 -31.75 -7.50
CA LEU B 300 25.31 -32.84 -6.59
C LEU B 300 24.51 -33.85 -7.43
N PRO B 301 25.00 -35.09 -7.61
CA PRO B 301 24.20 -36.13 -8.26
C PRO B 301 22.95 -36.52 -7.48
N PRO B 302 21.96 -37.13 -8.16
CA PRO B 302 20.69 -37.50 -7.55
C PRO B 302 20.81 -38.38 -6.28
N GLU B 303 21.81 -39.25 -6.20
CA GLU B 303 22.06 -40.14 -5.04
C GLU B 303 22.21 -39.30 -3.77
N ALA B 304 22.96 -38.22 -3.81
CA ALA B 304 23.08 -37.43 -2.61
C ALA B 304 21.92 -36.66 -2.12
N ILE B 305 21.07 -36.23 -3.02
CA ILE B 305 19.86 -35.56 -2.64
C ILE B 305 19.09 -36.58 -1.88
N GLU B 306 19.06 -37.79 -2.42
CA GLU B 306 18.36 -38.85 -1.76
C GLU B 306 18.92 -39.18 -0.37
N ARG B 307 20.23 -39.23 -0.24
CA ARG B 307 20.81 -39.60 1.09
C ARG B 307 20.53 -38.45 2.07
N MET B 308 20.58 -37.21 1.58
CA MET B 308 20.09 -36.01 2.32
C MET B 308 18.64 -36.28 2.75
N LYS B 309 17.75 -36.55 1.79
CA LYS B 309 16.32 -36.84 2.07
C LYS B 309 16.22 -37.87 3.21
N LYS B 310 16.84 -39.05 3.04
CA LYS B 310 16.61 -40.21 3.95
C LYS B 310 17.30 -39.95 5.30
N GLU B 311 18.52 -39.42 5.29
CA GLU B 311 19.29 -39.28 6.54
C GLU B 311 18.54 -38.28 7.43
N LEU B 312 17.96 -37.22 6.82
CA LEU B 312 17.34 -36.09 7.56
C LEU B 312 15.81 -36.21 7.58
N GLY B 313 15.23 -37.18 6.87
CA GLY B 313 13.76 -37.36 6.81
C GLY B 313 13.09 -36.13 6.23
N LEU B 314 13.64 -35.61 5.13
CA LEU B 314 13.07 -34.47 4.37
C LEU B 314 12.61 -34.96 2.98
N GLY B 315 11.74 -34.20 2.33
CA GLY B 315 11.31 -34.47 0.94
C GLY B 315 12.22 -33.77 -0.02
N TYR B 316 12.01 -33.90 -1.33
CA TYR B 316 12.68 -32.96 -2.26
C TYR B 316 12.15 -31.55 -1.94
N TRP B 317 10.84 -31.43 -1.78
CA TRP B 317 10.16 -30.15 -1.45
C TRP B 317 9.56 -30.21 -0.04
N ASN B 318 9.87 -29.22 0.79
CA ASN B 318 9.49 -29.17 2.22
C ASN B 318 8.60 -27.94 2.47
N PHE B 319 7.30 -28.18 2.62
CA PHE B 319 6.30 -27.13 2.92
C PHE B 319 6.34 -26.82 4.42
N TYR B 320 6.42 -25.54 4.79
CA TYR B 320 6.24 -25.08 6.19
C TYR B 320 5.12 -24.04 6.24
N GLY B 321 4.15 -24.26 7.15
CA GLY B 321 3.09 -23.29 7.46
C GLY B 321 2.83 -23.21 8.96
N THR B 322 2.14 -22.14 9.38
CA THR B 322 1.68 -21.97 10.77
C THR B 322 0.17 -21.72 10.75
N LEU B 323 -0.53 -22.25 11.74
CA LEU B 323 -1.97 -21.97 11.99
C LEU B 323 -2.12 -21.28 13.33
N TYR B 324 -3.10 -20.37 13.41
CA TYR B 324 -3.29 -19.47 14.57
C TYR B 324 -4.74 -19.56 15.03
N GLY B 325 -4.99 -19.35 16.33
CA GLY B 325 -6.35 -19.23 16.89
C GLY B 325 -6.60 -20.21 18.02
N PRO B 326 -7.87 -20.43 18.42
CA PRO B 326 -8.19 -21.46 19.40
C PRO B 326 -7.85 -22.82 18.81
N PRO B 327 -7.31 -23.76 19.60
CA PRO B 327 -7.09 -25.15 19.19
C PRO B 327 -8.12 -25.83 18.26
N GLN B 328 -9.40 -25.59 18.46
CA GLN B 328 -10.46 -26.19 17.60
C GLN B 328 -10.33 -25.61 16.19
N LEU B 329 -10.00 -24.33 16.06
CA LEU B 329 -9.83 -23.70 14.71
C LEU B 329 -8.55 -24.24 14.07
N ILE B 330 -7.47 -24.34 14.85
CA ILE B 330 -6.17 -24.94 14.43
C ILE B 330 -6.44 -26.33 13.86
N GLU B 331 -7.14 -27.20 14.59
CA GLU B 331 -7.39 -28.62 14.19
C GLU B 331 -8.24 -28.65 12.92
N MET B 332 -9.25 -27.79 12.83
CA MET B 332 -10.13 -27.79 11.64
C MET B 332 -9.27 -27.40 10.42
N ASN B 333 -8.50 -26.32 10.53
CA ASN B 333 -7.63 -25.78 9.45
C ASN B 333 -6.58 -26.83 9.05
N TYR B 334 -5.92 -27.49 10.02
CA TYR B 334 -4.95 -28.60 9.82
C TYR B 334 -5.60 -29.77 9.07
N GLY B 335 -6.84 -30.12 9.40
CA GLY B 335 -7.62 -31.16 8.68
C GLY B 335 -7.81 -30.84 7.21
N ILE B 336 -8.09 -29.58 6.86
CA ILE B 336 -8.32 -29.12 5.46
C ILE B 336 -7.00 -29.24 4.67
N ILE B 337 -5.91 -28.77 5.26
CA ILE B 337 -4.54 -28.77 4.68
C ILE B 337 -4.07 -30.22 4.46
N LYS B 338 -4.27 -31.10 5.45
CA LYS B 338 -3.97 -32.55 5.33
C LYS B 338 -4.79 -33.14 4.18
N ASP B 339 -6.09 -32.86 4.14
CA ASP B 339 -7.01 -33.46 3.14
C ASP B 339 -6.57 -33.05 1.73
N ALA B 340 -6.09 -31.81 1.55
CA ALA B 340 -5.77 -31.24 0.21
C ALA B 340 -4.37 -31.72 -0.23
N PHE B 341 -3.32 -31.51 0.57
CA PHE B 341 -1.92 -31.84 0.18
C PHE B 341 -1.69 -33.36 0.25
N GLY B 342 -2.46 -34.05 1.09
CA GLY B 342 -2.53 -35.52 1.21
C GLY B 342 -2.96 -36.18 -0.08
N GLN B 343 -3.58 -35.45 -1.00
CA GLN B 343 -3.91 -35.96 -2.36
C GLN B 343 -2.62 -36.24 -3.13
N ILE B 344 -1.49 -35.66 -2.71
CA ILE B 344 -0.17 -35.96 -3.32
C ILE B 344 0.40 -37.22 -2.66
N PRO B 345 0.59 -38.32 -3.42
CA PRO B 345 1.24 -39.51 -2.87
C PRO B 345 2.67 -39.20 -2.43
N GLY B 346 3.09 -39.80 -1.30
CA GLY B 346 4.41 -39.58 -0.70
C GLY B 346 4.37 -38.40 0.25
N SER B 347 3.20 -37.77 0.39
CA SER B 347 2.93 -36.65 1.33
C SER B 347 3.09 -37.15 2.75
N ARG B 348 3.91 -36.50 3.58
CA ARG B 348 3.97 -36.82 5.04
C ARG B 348 3.88 -35.53 5.85
N PHE B 349 3.07 -35.52 6.90
CA PHE B 349 2.68 -34.32 7.69
C PHE B 349 3.16 -34.49 9.11
N GLN B 350 3.87 -33.50 9.66
CA GLN B 350 4.35 -33.47 11.07
C GLN B 350 4.27 -32.04 11.63
N THR B 351 3.82 -31.90 12.87
CA THR B 351 3.75 -30.59 13.59
C THR B 351 5.04 -30.36 14.35
N HIS B 352 5.25 -29.12 14.83
CA HIS B 352 6.37 -28.69 15.68
C HIS B 352 6.35 -29.44 17.04
N GLU B 353 5.22 -30.01 17.44
CA GLU B 353 5.07 -30.75 18.72
C GLU B 353 5.61 -32.19 18.58
N GLU B 354 5.62 -32.76 17.36
CA GLU B 354 5.78 -34.24 17.17
C GLU B 354 7.00 -34.61 16.31
N ARG B 355 8.01 -33.75 16.19
CA ARG B 355 9.26 -34.13 15.47
C ARG B 355 10.49 -33.98 16.38
N HIS B 356 11.10 -32.79 16.46
CA HIS B 356 12.26 -32.46 17.35
C HIS B 356 13.58 -33.17 17.01
N ASP B 357 13.73 -33.81 15.83
CA ASP B 357 14.98 -34.48 15.41
C ASP B 357 15.85 -33.52 14.58
N ARG B 358 17.02 -33.98 14.15
CA ARG B 358 18.04 -33.20 13.40
C ARG B 358 17.42 -32.54 12.14
N GLY B 359 16.56 -33.30 11.45
CA GLY B 359 15.82 -32.84 10.25
C GLY B 359 14.68 -31.88 10.59
N ALA B 360 14.36 -31.71 11.89
CA ALA B 360 13.26 -30.87 12.39
C ALA B 360 13.77 -29.47 12.72
N HIS B 361 15.07 -29.25 12.61
CA HIS B 361 15.71 -27.96 12.94
C HIS B 361 14.98 -26.82 12.21
N VAL B 362 14.68 -26.98 10.92
CA VAL B 362 14.04 -25.90 10.09
C VAL B 362 12.58 -25.73 10.54
N LEU B 363 11.81 -26.82 10.68
CA LEU B 363 10.43 -26.80 11.24
C LEU B 363 10.40 -26.03 12.56
N GLN B 364 11.36 -26.27 13.46
CA GLN B 364 11.39 -25.62 14.79
C GLN B 364 11.77 -24.15 14.63
N ASP B 365 12.59 -23.83 13.64
CA ASP B 365 13.03 -22.45 13.36
C ASP B 365 11.86 -21.68 12.72
N ARG B 366 11.12 -22.33 11.82
CA ARG B 366 9.92 -21.76 11.18
C ARG B 366 8.88 -21.48 12.28
N HIS B 367 8.76 -22.37 13.26
CA HIS B 367 7.79 -22.21 14.38
C HIS B 367 8.12 -20.90 15.10
N LYS B 368 9.40 -20.60 15.26
CA LYS B 368 9.85 -19.35 15.90
C LYS B 368 9.49 -18.17 14.99
N ILE B 369 10.05 -18.14 13.78
CA ILE B 369 9.93 -17.00 12.81
C ILE B 369 8.44 -16.71 12.55
N ASN B 370 7.61 -17.74 12.40
CA ASN B 370 6.16 -17.67 12.09
C ASN B 370 5.37 -17.17 13.31
N ASN B 371 5.97 -17.16 14.50
CA ASN B 371 5.36 -16.62 15.74
C ASN B 371 6.09 -15.34 16.18
N GLY B 372 6.83 -14.71 15.27
CA GLY B 372 7.57 -13.45 15.54
C GLY B 372 8.61 -13.61 16.62
N ILE B 373 9.13 -14.82 16.81
CA ILE B 373 10.37 -15.02 17.61
C ILE B 373 11.53 -14.95 16.62
N PRO B 374 12.41 -13.90 16.79
CA PRO B 374 13.46 -13.89 15.80
C PRO B 374 14.62 -14.84 16.04
N SER B 375 15.42 -15.11 15.02
CA SER B 375 16.47 -16.11 15.10
C SER B 375 17.64 -15.84 14.19
N LEU B 376 18.74 -16.51 14.43
CA LEU B 376 19.92 -16.37 13.59
C LEU B 376 20.31 -17.78 13.18
N SER B 377 19.47 -18.74 13.51
CA SER B 377 19.72 -20.13 13.14
C SER B 377 19.88 -20.41 11.65
N GLU B 378 19.34 -19.57 10.79
CA GLU B 378 19.47 -19.77 9.36
C GLU B 378 20.87 -19.39 8.86
N MET B 379 21.68 -18.78 9.69
CA MET B 379 23.06 -18.51 9.30
C MET B 379 23.88 -19.79 9.26
N LYS B 380 23.42 -20.86 9.89
CA LYS B 380 24.10 -22.17 9.80
C LYS B 380 24.33 -22.44 8.32
N LEU B 381 23.38 -22.00 7.49
CA LEU B 381 23.36 -22.20 6.03
C LEU B 381 24.69 -21.81 5.41
N MET B 382 25.34 -20.78 5.94
CA MET B 382 26.56 -20.19 5.34
C MET B 382 27.81 -21.00 5.76
N ASP B 383 27.62 -22.18 6.36
CA ASP B 383 28.69 -23.19 6.63
C ASP B 383 28.62 -24.35 5.62
N TRP B 384 27.75 -24.23 4.62
CA TRP B 384 27.51 -25.27 3.58
C TRP B 384 28.84 -25.64 2.90
N ILE B 385 29.66 -24.63 2.58
CA ILE B 385 31.03 -24.76 1.99
C ILE B 385 31.90 -23.69 2.63
N PRO B 386 33.24 -23.91 2.75
CA PRO B 386 34.16 -22.85 3.19
C PRO B 386 34.00 -21.52 2.44
N GLY B 387 33.95 -20.43 3.22
CA GLY B 387 33.89 -19.04 2.75
C GLY B 387 32.58 -18.73 2.05
N ALA B 388 31.53 -19.51 2.31
CA ALA B 388 30.21 -19.42 1.65
C ALA B 388 29.65 -18.00 1.82
N GLY B 389 29.27 -17.40 0.70
CA GLY B 389 28.41 -16.22 0.62
C GLY B 389 27.24 -16.56 -0.28
N HIS B 390 26.22 -15.71 -0.32
CA HIS B 390 25.08 -15.90 -1.25
C HIS B 390 24.72 -14.57 -1.91
N VAL B 391 24.10 -14.68 -3.08
CA VAL B 391 23.44 -13.55 -3.79
C VAL B 391 21.96 -13.95 -3.95
N GLY B 392 21.07 -12.99 -3.73
CA GLY B 392 19.63 -13.22 -3.89
C GLY B 392 19.26 -13.25 -5.35
N PHE B 393 18.50 -14.26 -5.74
CA PHE B 393 17.74 -14.26 -7.01
C PHE B 393 16.30 -14.58 -6.62
N SER B 394 15.32 -13.73 -6.96
CA SER B 394 13.94 -13.82 -6.39
C SER B 394 12.90 -13.24 -7.34
N PRO B 395 12.78 -13.75 -8.59
CA PRO B 395 11.76 -13.23 -9.49
C PRO B 395 10.34 -13.61 -9.07
N ILE B 396 9.41 -12.82 -9.57
CA ILE B 396 7.95 -12.90 -9.31
C ILE B 396 7.32 -13.62 -10.50
N SER B 397 6.40 -14.54 -10.24
CA SER B 397 5.71 -15.36 -11.28
C SER B 397 4.28 -15.55 -10.80
N PRO B 398 3.36 -16.05 -11.66
CA PRO B 398 2.04 -16.47 -11.21
C PRO B 398 2.19 -17.73 -10.36
N PRO B 399 1.36 -17.88 -9.31
CA PRO B 399 1.43 -19.05 -8.43
C PRO B 399 0.68 -20.20 -9.10
N VAL B 400 1.26 -20.68 -10.19
CA VAL B 400 0.68 -21.71 -11.09
C VAL B 400 1.76 -22.79 -11.24
N GLY B 401 1.40 -24.06 -11.06
CA GLY B 401 2.32 -25.21 -11.07
C GLY B 401 3.24 -25.19 -12.29
N ARG B 402 2.65 -24.98 -13.47
CA ARG B 402 3.35 -24.86 -14.76
C ARG B 402 4.49 -23.83 -14.65
N ASP B 403 4.22 -22.68 -14.06
CA ASP B 403 5.22 -21.59 -13.91
C ASP B 403 6.31 -22.01 -12.92
N ALA B 404 5.92 -22.66 -11.83
CA ALA B 404 6.90 -23.14 -10.81
C ALA B 404 7.85 -24.13 -11.48
N MET B 405 7.34 -25.11 -12.24
CA MET B 405 8.15 -26.18 -12.88
C MET B 405 9.12 -25.57 -13.89
N LYS B 406 8.65 -24.64 -14.73
CA LYS B 406 9.48 -23.91 -15.71
C LYS B 406 10.60 -23.21 -14.96
N GLN B 407 10.28 -22.52 -13.86
CA GLN B 407 11.30 -21.76 -13.11
C GLN B 407 12.29 -22.72 -12.45
N PHE B 408 11.81 -23.77 -11.80
CA PHE B 408 12.64 -24.83 -11.18
C PHE B 408 13.66 -25.35 -12.21
N ARG B 409 13.15 -25.80 -13.36
CA ARG B 409 13.99 -26.39 -14.43
C ARG B 409 15.01 -25.34 -14.88
N MET B 410 14.55 -24.17 -15.33
CA MET B 410 15.45 -23.23 -16.03
C MET B 410 16.52 -22.70 -15.05
N VAL B 411 16.21 -22.56 -13.75
CA VAL B 411 17.18 -22.02 -12.77
C VAL B 411 18.23 -23.09 -12.42
N ARG B 412 17.78 -24.33 -12.20
CA ARG B 412 18.72 -25.39 -11.74
C ARG B 412 19.58 -25.85 -12.94
N SER B 413 19.05 -25.87 -14.17
CA SER B 413 19.84 -26.21 -15.39
C SER B 413 21.00 -25.23 -15.51
N ARG B 414 20.74 -23.92 -15.40
CA ARG B 414 21.83 -22.91 -15.50
C ARG B 414 22.74 -22.99 -14.26
N ALA B 415 22.21 -23.37 -13.09
CA ALA B 415 22.99 -23.43 -11.84
C ALA B 415 24.05 -24.53 -11.96
N ASP B 416 23.62 -25.70 -12.42
CA ASP B 416 24.49 -26.85 -12.79
C ASP B 416 25.62 -26.35 -13.72
N GLU B 417 25.26 -25.76 -14.85
CA GLU B 417 26.22 -25.30 -15.89
C GLU B 417 27.28 -24.42 -15.24
N TYR B 418 26.89 -23.56 -14.30
CA TYR B 418 27.80 -22.58 -13.65
C TYR B 418 28.34 -23.13 -12.33
N ALA B 419 28.20 -24.44 -12.08
CA ALA B 419 28.77 -25.15 -10.92
C ALA B 419 28.29 -24.52 -9.59
N LYS B 420 27.00 -24.21 -9.47
CA LYS B 420 26.40 -23.64 -8.23
C LYS B 420 25.23 -24.52 -7.82
N ASP B 421 25.11 -24.85 -6.53
CA ASP B 421 24.00 -25.70 -6.00
C ASP B 421 22.65 -25.01 -6.25
N TYR B 422 21.60 -25.77 -6.48
CA TYR B 422 20.21 -25.26 -6.51
C TYR B 422 19.62 -25.38 -5.11
N ALA B 423 19.67 -24.28 -4.37
CA ALA B 423 19.07 -24.11 -3.02
C ALA B 423 18.01 -23.02 -3.16
N ALA B 424 16.74 -23.37 -3.10
CA ALA B 424 15.64 -22.47 -3.51
C ALA B 424 14.35 -22.75 -2.73
N GLN B 425 13.51 -21.71 -2.66
CA GLN B 425 12.22 -21.60 -1.94
C GLN B 425 11.18 -21.15 -2.96
N PHE B 426 10.00 -21.75 -3.03
CA PHE B 426 8.80 -21.08 -3.61
C PHE B 426 7.91 -20.61 -2.47
N VAL B 427 7.50 -19.35 -2.55
CA VAL B 427 6.67 -18.62 -1.54
C VAL B 427 5.44 -18.05 -2.23
N VAL B 428 4.24 -18.25 -1.69
CA VAL B 428 3.02 -17.55 -2.19
C VAL B 428 2.65 -16.46 -1.17
N GLY B 429 2.64 -15.20 -1.62
CA GLY B 429 2.25 -14.06 -0.78
C GLY B 429 0.74 -14.07 -0.56
N LEU B 430 -0.01 -13.72 -1.60
CA LEU B 430 -1.49 -13.83 -1.62
C LEU B 430 -1.92 -14.34 -2.99
N ARG B 431 -1.59 -13.62 -4.05
CA ARG B 431 -1.85 -14.11 -5.44
C ARG B 431 -0.58 -14.01 -6.29
N GLU B 432 0.60 -13.84 -5.70
CA GLU B 432 1.90 -13.84 -6.42
C GLU B 432 2.80 -14.94 -5.87
N MET B 433 3.72 -15.44 -6.68
CA MET B 433 4.72 -16.45 -6.23
C MET B 433 6.10 -15.80 -6.34
N HIS B 434 6.97 -16.09 -5.39
CA HIS B 434 8.41 -15.75 -5.42
C HIS B 434 9.20 -17.05 -5.54
N HIS B 435 10.11 -17.10 -6.50
CA HIS B 435 11.17 -18.13 -6.60
C HIS B 435 12.43 -17.56 -5.98
N ILE B 436 12.68 -17.83 -4.70
CA ILE B 436 13.83 -17.27 -3.95
C ILE B 436 14.95 -18.32 -3.94
N ALA B 437 15.96 -18.12 -4.80
CA ALA B 437 17.11 -19.03 -4.95
C ALA B 437 18.26 -18.41 -4.15
N LEU B 438 18.94 -19.23 -3.35
CA LEU B 438 20.20 -18.81 -2.70
C LEU B 438 21.37 -19.44 -3.47
N LEU B 439 22.08 -18.60 -4.21
CA LEU B 439 23.26 -19.02 -5.02
C LEU B 439 24.48 -18.94 -4.08
N LEU B 440 24.92 -20.10 -3.58
CA LEU B 440 26.03 -20.21 -2.59
C LEU B 440 27.35 -20.35 -3.36
N PHE B 441 28.37 -19.62 -2.93
CA PHE B 441 29.69 -19.54 -3.59
C PHE B 441 30.75 -19.28 -2.54
N ASP B 442 31.99 -19.61 -2.89
CA ASP B 442 33.20 -19.26 -2.12
C ASP B 442 33.54 -17.79 -2.38
N THR B 443 33.29 -16.93 -1.39
CA THR B 443 33.58 -15.48 -1.44
C THR B 443 35.08 -15.21 -1.61
N GLN B 444 35.93 -16.17 -1.21
CA GLN B 444 37.41 -16.05 -1.24
C GLN B 444 37.98 -16.52 -2.58
N ASP B 445 37.13 -16.96 -3.52
CA ASP B 445 37.59 -17.52 -4.82
C ASP B 445 37.12 -16.62 -5.96
N ALA B 446 38.02 -15.88 -6.59
CA ALA B 446 37.69 -14.96 -7.72
C ALA B 446 36.86 -15.66 -8.81
N THR B 447 37.14 -16.93 -9.14
CA THR B 447 36.41 -17.70 -10.20
C THR B 447 34.97 -17.93 -9.76
N ALA B 448 34.76 -18.46 -8.54
CA ALA B 448 33.44 -18.67 -7.93
C ALA B 448 32.64 -17.36 -7.96
N ARG B 449 33.22 -16.23 -7.55
CA ARG B 449 32.59 -14.89 -7.51
C ARG B 449 32.18 -14.44 -8.91
N ASN B 450 33.11 -14.55 -9.88
CA ASN B 450 32.89 -14.22 -11.30
C ASN B 450 31.76 -15.08 -11.86
N GLU B 451 31.82 -16.40 -11.62
CA GLU B 451 30.84 -17.37 -12.17
C GLU B 451 29.45 -17.02 -11.60
N THR B 452 29.39 -16.69 -10.31
CA THR B 452 28.12 -16.40 -9.61
C THR B 452 27.49 -15.17 -10.25
N LEU B 453 28.26 -14.11 -10.51
CA LEU B 453 27.75 -12.88 -11.17
C LEU B 453 27.22 -13.26 -12.55
N ALA B 454 28.01 -13.99 -13.34
CA ALA B 454 27.65 -14.46 -14.70
C ALA B 454 26.33 -15.24 -14.60
N LEU B 455 26.27 -16.21 -13.69
CA LEU B 455 25.06 -17.05 -13.55
C LEU B 455 23.86 -16.13 -13.31
N THR B 456 23.96 -15.23 -12.33
CA THR B 456 22.83 -14.36 -11.88
C THR B 456 22.39 -13.45 -13.04
N ARG B 457 23.33 -12.85 -13.77
CA ARG B 457 22.99 -12.01 -14.96
C ARG B 457 22.15 -12.83 -15.94
N LEU B 458 22.55 -14.08 -16.18
CA LEU B 458 21.88 -14.94 -17.17
C LEU B 458 20.49 -15.31 -16.64
N LEU B 459 20.40 -15.64 -15.35
CA LEU B 459 19.11 -16.03 -14.70
C LEU B 459 18.08 -14.90 -14.83
N ILE B 460 18.52 -13.66 -14.61
CA ILE B 460 17.69 -12.43 -14.67
C ILE B 460 17.17 -12.24 -16.10
N ASP B 461 18.04 -12.34 -17.11
CA ASP B 461 17.67 -12.17 -18.53
C ASP B 461 16.67 -13.27 -18.94
N GLU B 462 16.90 -14.53 -18.55
CA GLU B 462 16.04 -15.65 -19.01
C GLU B 462 14.68 -15.57 -18.32
N ALA B 463 14.67 -15.21 -17.03
CA ALA B 463 13.47 -14.95 -16.20
C ALA B 463 12.61 -13.86 -16.85
N ALA B 464 13.25 -12.75 -17.19
CA ALA B 464 12.64 -11.58 -17.86
C ALA B 464 12.03 -11.98 -19.21
N ALA B 465 12.75 -12.76 -20.02
CA ALA B 465 12.30 -13.20 -21.36
C ALA B 465 11.03 -14.05 -21.20
N GLU B 466 10.85 -14.66 -20.03
CA GLU B 466 9.72 -15.53 -19.70
C GLU B 466 8.60 -14.71 -19.01
N GLY B 467 8.84 -13.44 -18.69
CA GLY B 467 7.83 -12.56 -18.09
C GLY B 467 7.92 -12.58 -16.58
N TYR B 468 9.05 -13.01 -16.05
CA TYR B 468 9.30 -13.07 -14.57
C TYR B 468 10.31 -11.99 -14.21
N GLY B 469 9.86 -10.97 -13.49
CA GLY B 469 10.72 -9.86 -13.09
C GLY B 469 11.29 -10.10 -11.71
N GLU B 470 12.50 -9.61 -11.48
CA GLU B 470 13.20 -9.62 -10.18
C GLU B 470 12.63 -8.51 -9.28
N TYR B 471 12.49 -8.79 -8.00
CA TYR B 471 11.77 -7.93 -7.02
C TYR B 471 12.78 -7.14 -6.18
N ARG B 472 13.96 -7.74 -5.94
CA ARG B 472 15.03 -7.19 -5.09
C ARG B 472 16.37 -7.77 -5.55
N THR B 473 17.44 -6.98 -5.60
CA THR B 473 18.70 -7.50 -6.16
C THR B 473 19.93 -6.78 -5.60
N HIS B 474 21.09 -7.33 -5.89
CA HIS B 474 22.40 -6.85 -5.42
C HIS B 474 22.76 -5.56 -6.17
N ASN B 475 23.51 -4.68 -5.51
CA ASN B 475 24.22 -3.50 -6.11
C ASN B 475 24.70 -3.77 -7.55
N ALA B 476 25.40 -4.90 -7.77
CA ALA B 476 26.04 -5.27 -9.06
C ALA B 476 24.98 -5.50 -10.12
N LEU B 477 23.73 -5.78 -9.74
CA LEU B 477 22.68 -6.22 -10.68
C LEU B 477 21.61 -5.14 -10.88
N MET B 478 21.66 -4.03 -10.14
CA MET B 478 20.55 -3.04 -10.11
C MET B 478 20.31 -2.43 -11.50
N ASP B 479 21.38 -2.05 -12.20
CA ASP B 479 21.25 -1.46 -13.56
C ASP B 479 20.57 -2.48 -14.48
N GLN B 480 21.00 -3.73 -14.43
CA GLN B 480 20.48 -4.77 -15.35
C GLN B 480 19.00 -4.99 -15.02
N VAL B 481 18.67 -5.06 -13.73
CA VAL B 481 17.28 -5.38 -13.31
C VAL B 481 16.38 -4.23 -13.71
N MET B 482 16.75 -2.98 -13.42
CA MET B 482 15.94 -1.81 -13.86
C MET B 482 15.78 -1.85 -15.39
N GLY B 483 16.81 -2.26 -16.14
CA GLY B 483 16.80 -2.35 -17.61
C GLY B 483 15.78 -3.35 -18.14
N THR B 484 15.41 -4.37 -17.35
CA THR B 484 14.39 -5.37 -17.76
C THR B 484 12.97 -4.74 -17.70
N TYR B 485 12.80 -3.73 -16.84
CA TYR B 485 11.48 -3.10 -16.59
C TYR B 485 11.28 -1.97 -17.62
N ASN B 486 11.43 -2.25 -18.92
CA ASN B 486 11.67 -1.17 -19.92
C ASN B 486 10.45 -0.98 -20.83
N TRP B 487 9.27 -1.33 -20.34
CA TRP B 487 8.03 -1.11 -21.11
C TRP B 487 8.04 0.33 -21.63
N GLY B 488 7.57 0.53 -22.84
CA GLY B 488 7.39 1.88 -23.42
C GLY B 488 8.70 2.63 -23.49
N ASP B 489 9.77 1.96 -23.97
CA ASP B 489 11.10 2.57 -24.23
C ASP B 489 11.69 3.15 -22.93
N GLY B 490 11.70 2.38 -21.84
CA GLY B 490 12.37 2.78 -20.59
C GLY B 490 11.57 3.82 -19.80
N ALA B 491 10.24 3.76 -19.87
CA ALA B 491 9.36 4.85 -19.38
C ALA B 491 9.45 4.91 -17.87
N LEU B 492 9.49 3.76 -17.20
CA LEU B 492 9.48 3.72 -15.73
C LEU B 492 10.80 4.33 -15.20
N LEU B 493 11.94 3.98 -15.77
CA LEU B 493 13.23 4.59 -15.31
C LEU B 493 13.24 6.10 -15.63
N LYS B 494 12.72 6.52 -16.78
CA LYS B 494 12.73 7.97 -17.13
C LYS B 494 11.92 8.77 -16.11
N PHE B 495 10.76 8.26 -15.71
CA PHE B 495 9.94 8.84 -14.61
C PHE B 495 10.77 8.96 -13.32
N HIS B 496 11.41 7.87 -12.89
CA HIS B 496 12.22 7.82 -11.64
C HIS B 496 13.36 8.86 -11.71
N GLU B 497 13.94 9.04 -12.90
CA GLU B 497 15.09 9.96 -13.10
C GLU B 497 14.62 11.40 -12.94
N ALA B 498 13.44 11.73 -13.49
CA ALA B 498 12.83 13.08 -13.45
C ALA B 498 12.52 13.45 -11.98
N ILE B 499 11.94 12.54 -11.20
CA ILE B 499 11.68 12.75 -9.75
C ILE B 499 13.01 12.89 -9.01
N LYS B 500 13.98 12.03 -9.28
CA LYS B 500 15.29 12.07 -8.58
C LYS B 500 15.95 13.42 -8.83
N ASP B 501 15.99 13.87 -10.07
CA ASP B 501 16.63 15.14 -10.48
C ASP B 501 15.89 16.33 -9.83
N ALA B 502 14.56 16.24 -9.70
CA ALA B 502 13.75 17.31 -9.07
C ALA B 502 14.05 17.41 -7.56
N LEU B 503 14.08 16.29 -6.84
CA LEU B 503 14.22 16.23 -5.36
C LEU B 503 15.72 16.35 -4.99
N ASP B 504 16.59 15.90 -5.89
CA ASP B 504 18.05 15.78 -5.67
C ASP B 504 18.80 16.49 -6.79
N PRO B 505 18.67 17.82 -6.91
CA PRO B 505 19.32 18.55 -8.00
C PRO B 505 20.85 18.43 -8.02
N ASN B 506 21.47 18.15 -6.87
CA ASN B 506 22.93 18.01 -6.71
C ASN B 506 23.35 16.55 -6.72
N GLY B 507 22.40 15.61 -6.84
CA GLY B 507 22.70 14.18 -7.06
C GLY B 507 23.49 13.58 -5.92
N ILE B 508 22.95 13.66 -4.70
CA ILE B 508 23.61 13.33 -3.42
C ILE B 508 23.21 11.93 -2.93
N ILE B 509 21.92 11.63 -2.77
CA ILE B 509 21.46 10.43 -2.01
C ILE B 509 21.64 9.15 -2.86
N ALA B 510 22.33 8.16 -2.31
CA ALA B 510 22.53 6.77 -2.79
C ALA B 510 22.40 6.67 -4.31
N PRO B 511 23.31 7.30 -5.09
CA PRO B 511 23.23 7.27 -6.56
C PRO B 511 23.28 5.84 -7.09
N GLY B 512 22.35 5.54 -8.00
CA GLY B 512 22.24 4.25 -8.70
C GLY B 512 21.42 3.22 -7.96
N LYS B 513 20.97 3.51 -6.74
CA LYS B 513 20.02 2.59 -6.04
C LYS B 513 18.88 2.24 -7.01
N SER B 514 18.58 0.95 -7.19
CA SER B 514 17.54 0.46 -8.13
C SER B 514 17.79 0.93 -9.56
N GLY B 515 19.02 1.32 -9.90
CA GLY B 515 19.38 1.76 -11.27
C GLY B 515 19.02 3.22 -11.53
N VAL B 516 18.59 3.94 -10.50
CA VAL B 516 18.18 5.37 -10.64
C VAL B 516 19.39 6.25 -10.31
N TRP B 517 19.95 6.88 -11.35
CA TRP B 517 21.15 7.75 -11.27
C TRP B 517 20.72 9.20 -11.42
N PRO B 518 21.24 10.09 -10.56
CA PRO B 518 21.01 11.51 -10.75
C PRO B 518 21.86 11.93 -11.96
N ALA B 519 21.53 13.09 -12.57
CA ALA B 519 22.12 13.63 -13.83
C ALA B 519 23.65 13.60 -13.77
N ARG B 520 24.31 14.06 -12.70
CA ARG B 520 25.80 14.19 -12.69
C ARG B 520 26.47 12.80 -12.88
N TYR B 521 25.77 11.70 -12.62
CA TYR B 521 26.35 10.34 -12.56
C TYR B 521 25.76 9.41 -13.62
N ARG B 522 24.76 9.83 -14.36
CA ARG B 522 23.99 8.91 -15.23
C ARG B 522 24.83 8.58 -16.46
N GLY B 523 24.80 7.32 -16.92
CA GLY B 523 25.41 6.83 -18.17
C GLY B 523 26.93 6.97 -18.20
N LYS B 524 27.58 7.01 -17.03
CA LYS B 524 29.05 7.12 -16.87
C LYS B 524 29.61 5.77 -16.42
N GLY B 525 28.82 4.71 -16.53
CA GLY B 525 29.16 3.35 -16.08
C GLY B 525 29.69 3.28 -14.66
N LEU B 526 29.06 3.98 -13.71
CA LEU B 526 29.36 3.94 -12.25
C LEU B 526 30.54 4.88 -11.97
#